data_9DWZ
#
_entry.id   9DWZ
#
loop_
_entity.id
_entity.type
_entity.pdbx_description
1 polymer 'Light-harvesting protein B-800/820 alpha chain'
2 polymer 'Light-harvesting protein B-800/820 beta-2 chain'
3 non-polymer 'BACTERIOCHLOROPHYLL A'
4 non-polymer 'LAURYL DIMETHYLAMINE-N-OXIDE'
5 non-polymer 1,2-Dihydro-psi,psi-caroten-1-ol
6 non-polymer DODECYL-BETA-D-MALTOSIDE
#
loop_
_entity_poly.entity_id
_entity_poly.type
_entity_poly.pdbx_seq_one_letter_code
_entity_poly.pdbx_strand_id
1 'polypeptide(L)' (FME)NQGKIWTVVNPAVGLPLLLGSVAITALLVHLAVLTHTTWFPAFQQGG A,C,E,G,I,K,M,O,Q
2 'polypeptide(L)' AVLSPEQSEELHKYVIDGARAFLGIALVAHFLAFSLTPWLH B,D,F,H,J,L,N,P,R
#
# COMPACT_ATOMS: atom_id res chain seq x y z
N ASN A 2 -25.71 1.50 -24.68
CA ASN A 2 -26.61 2.62 -24.40
C ASN A 2 -26.09 3.59 -23.30
N GLN A 3 -24.87 3.37 -22.80
CA GLN A 3 -24.23 4.15 -21.72
C GLN A 3 -23.29 5.26 -22.23
N GLY A 4 -23.35 5.61 -23.52
CA GLY A 4 -22.39 6.46 -24.22
C GLY A 4 -22.32 7.92 -23.79
N LYS A 5 -23.28 8.41 -22.99
CA LYS A 5 -23.21 9.73 -22.34
C LYS A 5 -22.31 9.77 -21.10
N ILE A 6 -21.73 8.65 -20.66
CA ILE A 6 -20.89 8.61 -19.44
C ILE A 6 -19.63 9.49 -19.54
N TRP A 7 -19.09 9.72 -20.74
CA TRP A 7 -17.93 10.61 -20.94
C TRP A 7 -18.27 12.12 -20.90
N THR A 8 -19.54 12.48 -20.70
CA THR A 8 -19.95 13.84 -20.31
C THR A 8 -19.80 14.08 -18.79
N VAL A 9 -19.66 13.01 -18.00
CA VAL A 9 -19.60 13.04 -16.52
C VAL A 9 -18.24 12.57 -16.00
N VAL A 10 -17.70 11.50 -16.57
CA VAL A 10 -16.40 10.94 -16.20
C VAL A 10 -15.35 11.41 -17.21
N ASN A 11 -14.20 11.87 -16.75
CA ASN A 11 -13.10 12.28 -17.62
C ASN A 11 -12.52 11.04 -18.31
N PRO A 12 -12.53 10.94 -19.65
CA PRO A 12 -12.02 9.73 -20.32
C PRO A 12 -10.51 9.54 -20.17
N ALA A 13 -9.75 10.61 -19.90
CA ALA A 13 -8.32 10.53 -19.61
C ALA A 13 -8.00 9.83 -18.27
N VAL A 14 -8.96 9.79 -17.34
CA VAL A 14 -8.85 9.00 -16.09
C VAL A 14 -9.55 7.65 -16.25
N GLY A 15 -10.79 7.67 -16.75
CA GLY A 15 -11.65 6.49 -16.81
C GLY A 15 -11.24 5.40 -17.79
N LEU A 16 -10.64 5.75 -18.95
CA LEU A 16 -10.22 4.76 -19.94
C LEU A 16 -8.95 3.99 -19.51
N PRO A 17 -7.89 4.63 -18.94
CA PRO A 17 -6.84 3.91 -18.22
C PRO A 17 -7.33 3.06 -17.04
N LEU A 18 -8.29 3.53 -16.25
CA LEU A 18 -8.88 2.75 -15.15
C LEU A 18 -9.62 1.50 -15.66
N LEU A 19 -10.37 1.60 -16.76
CA LEU A 19 -11.04 0.47 -17.40
C LEU A 19 -10.03 -0.57 -17.89
N LEU A 20 -9.07 -0.17 -18.71
CA LEU A 20 -8.07 -1.08 -19.28
C LEU A 20 -7.18 -1.72 -18.20
N GLY A 21 -6.76 -0.94 -17.20
CA GLY A 21 -6.00 -1.43 -16.05
C GLY A 21 -6.79 -2.41 -15.17
N SER A 22 -8.08 -2.16 -14.95
CA SER A 22 -8.95 -3.08 -14.18
C SER A 22 -9.15 -4.41 -14.89
N VAL A 23 -9.35 -4.39 -16.21
CA VAL A 23 -9.48 -5.59 -17.05
C VAL A 23 -8.19 -6.43 -17.01
N ALA A 24 -7.02 -5.78 -17.18
CA ALA A 24 -5.71 -6.45 -17.09
C ALA A 24 -5.43 -7.06 -15.70
N ILE A 25 -5.73 -6.33 -14.61
CA ILE A 25 -5.60 -6.86 -13.23
C ILE A 25 -6.54 -8.05 -13.02
N THR A 26 -7.78 -7.97 -13.49
CA THR A 26 -8.75 -9.06 -13.37
C THR A 26 -8.27 -10.33 -14.09
N ALA A 27 -7.71 -10.20 -15.30
CA ALA A 27 -7.19 -11.33 -16.06
C ALA A 27 -6.00 -12.01 -15.36
N LEU A 28 -5.10 -11.25 -14.73
CA LEU A 28 -4.02 -11.77 -13.90
C LEU A 28 -4.54 -12.50 -12.66
N LEU A 29 -5.53 -11.93 -11.96
CA LEU A 29 -6.15 -12.57 -10.79
C LEU A 29 -6.86 -13.88 -11.15
N VAL A 30 -7.57 -13.94 -12.27
CA VAL A 30 -8.19 -15.19 -12.74
C VAL A 30 -7.14 -16.23 -13.10
N HIS A 31 -6.07 -15.84 -13.81
CA HIS A 31 -5.00 -16.78 -14.14
C HIS A 31 -4.32 -17.31 -12.87
N LEU A 32 -4.08 -16.44 -11.89
CA LEU A 32 -3.45 -16.87 -10.64
C LEU A 32 -4.36 -17.82 -9.86
N ALA A 33 -5.67 -17.53 -9.82
CA ALA A 33 -6.66 -18.35 -9.15
C ALA A 33 -6.73 -19.76 -9.77
N VAL A 34 -6.70 -19.86 -11.10
CA VAL A 34 -6.70 -21.15 -11.78
C VAL A 34 -5.38 -21.88 -11.56
N LEU A 35 -4.26 -21.16 -11.53
CA LEU A 35 -2.97 -21.79 -11.26
C LEU A 35 -2.91 -22.36 -9.85
N THR A 36 -3.48 -21.66 -8.87
CA THR A 36 -3.39 -22.09 -7.48
C THR A 36 -4.43 -23.13 -7.10
N HIS A 37 -5.47 -23.35 -7.90
CA HIS A 37 -6.50 -24.29 -7.51
C HIS A 37 -6.71 -25.45 -8.49
N THR A 38 -5.78 -25.68 -9.41
CA THR A 38 -5.82 -26.87 -10.25
C THR A 38 -4.45 -27.54 -10.23
N THR A 39 -4.41 -28.83 -10.57
CA THR A 39 -3.16 -29.58 -10.77
C THR A 39 -2.73 -29.58 -12.24
N TRP A 40 -3.67 -29.44 -13.19
CA TRP A 40 -3.37 -29.49 -14.62
C TRP A 40 -2.65 -28.23 -15.15
N PHE A 41 -2.91 -27.02 -14.64
CA PHE A 41 -2.16 -25.84 -15.08
C PHE A 41 -0.71 -25.85 -14.55
N PRO A 42 -0.42 -26.19 -13.28
CA PRO A 42 0.98 -26.41 -12.86
C PRO A 42 1.65 -27.56 -13.60
N ALA A 43 0.92 -28.63 -13.94
CA ALA A 43 1.46 -29.76 -14.70
C ALA A 43 1.78 -29.39 -16.16
N PHE A 44 1.00 -28.49 -16.76
CA PHE A 44 1.29 -27.92 -18.08
C PHE A 44 2.52 -27.01 -18.02
N GLN A 45 2.68 -26.25 -16.93
CA GLN A 45 3.88 -25.45 -16.76
C GLN A 45 5.11 -26.32 -16.56
N GLN A 46 5.00 -27.43 -15.83
CA GLN A 46 6.08 -28.39 -15.55
C GLN A 46 6.53 -29.21 -16.77
N GLY A 47 5.59 -29.81 -17.50
CA GLY A 47 5.89 -30.71 -18.63
C GLY A 47 6.57 -32.03 -18.21
N GLY A 48 7.29 -32.65 -19.13
CA GLY A 48 8.04 -33.89 -18.88
C GLY A 48 7.15 -35.10 -18.64
N ALA B 1 -10.30 16.12 -20.57
CA ALA B 1 -11.49 16.74 -19.94
C ALA B 1 -12.77 16.01 -20.37
N VAL B 2 -13.89 16.25 -19.70
CA VAL B 2 -15.20 15.71 -20.09
C VAL B 2 -15.67 16.27 -21.45
N LEU B 3 -16.41 15.45 -22.18
CA LEU B 3 -16.71 15.66 -23.58
C LEU B 3 -18.10 16.27 -23.81
N SER B 4 -18.35 16.78 -25.02
CA SER B 4 -19.69 17.09 -25.49
C SER B 4 -20.53 15.80 -25.61
N PRO B 5 -21.88 15.83 -25.55
CA PRO B 5 -22.69 14.64 -25.75
C PRO B 5 -22.40 13.87 -27.05
N GLU B 6 -22.14 14.56 -28.15
CA GLU B 6 -21.81 13.97 -29.45
C GLU B 6 -20.42 13.33 -29.47
N GLN B 7 -19.43 14.02 -28.91
CA GLN B 7 -18.06 13.52 -28.75
C GLN B 7 -18.00 12.29 -27.82
N SER B 8 -18.86 12.25 -26.80
CA SER B 8 -18.96 11.13 -25.86
C SER B 8 -19.47 9.87 -26.57
N GLU B 9 -20.51 10.02 -27.38
CA GLU B 9 -21.06 8.91 -28.18
C GLU B 9 -20.04 8.41 -29.23
N GLU B 10 -19.29 9.30 -29.87
CA GLU B 10 -18.20 8.93 -30.79
C GLU B 10 -17.08 8.16 -30.09
N LEU B 11 -16.64 8.58 -28.90
CA LEU B 11 -15.66 7.85 -28.09
C LEU B 11 -16.19 6.48 -27.65
N HIS B 12 -17.44 6.41 -27.20
CA HIS B 12 -17.99 5.16 -26.67
C HIS B 12 -18.11 4.06 -27.73
N LYS B 13 -18.25 4.40 -29.01
CA LYS B 13 -18.20 3.40 -30.10
C LYS B 13 -16.86 2.67 -30.15
N TYR B 14 -15.74 3.36 -29.93
CA TYR B 14 -14.42 2.73 -29.84
C TYR B 14 -14.26 1.86 -28.58
N VAL B 15 -14.85 2.28 -27.45
CA VAL B 15 -14.85 1.49 -26.21
C VAL B 15 -15.67 0.20 -26.37
N ILE B 16 -16.83 0.28 -27.02
CA ILE B 16 -17.71 -0.86 -27.28
C ILE B 16 -17.14 -1.82 -28.33
N ASP B 17 -16.52 -1.30 -29.39
CA ASP B 17 -15.82 -2.12 -30.38
C ASP B 17 -14.58 -2.82 -29.77
N GLY B 18 -13.84 -2.14 -28.89
CA GLY B 18 -12.74 -2.73 -28.12
C GLY B 18 -13.19 -3.84 -27.19
N ALA B 19 -14.30 -3.65 -26.46
CA ALA B 19 -14.88 -4.68 -25.62
C ALA B 19 -15.43 -5.88 -26.44
N ARG B 20 -16.04 -5.66 -27.61
CA ARG B 20 -16.48 -6.72 -28.53
C ARG B 20 -15.31 -7.54 -29.10
N ALA B 21 -14.20 -6.89 -29.42
CA ALA B 21 -12.96 -7.55 -29.87
C ALA B 21 -12.34 -8.39 -28.75
N PHE B 22 -12.30 -7.85 -27.52
CA PHE B 22 -11.87 -8.60 -26.35
C PHE B 22 -12.76 -9.81 -26.08
N LEU B 23 -14.09 -9.65 -26.15
CA LEU B 23 -15.06 -10.72 -25.98
C LEU B 23 -14.85 -11.83 -27.00
N GLY B 24 -14.64 -11.48 -28.27
CA GLY B 24 -14.42 -12.50 -29.30
C GLY B 24 -13.16 -13.31 -29.06
N ILE B 25 -12.05 -12.65 -28.72
CA ILE B 25 -10.79 -13.36 -28.40
C ILE B 25 -11.00 -14.25 -27.18
N ALA B 26 -11.74 -13.77 -26.16
CA ALA B 26 -12.01 -14.56 -24.97
C ALA B 26 -12.91 -15.77 -25.26
N LEU B 27 -13.90 -15.65 -26.15
CA LEU B 27 -14.72 -16.77 -26.62
C LEU B 27 -13.88 -17.81 -27.36
N VAL B 28 -12.89 -17.44 -28.19
CA VAL B 28 -11.97 -18.42 -28.79
C VAL B 28 -11.07 -19.08 -27.75
N ALA B 29 -10.54 -18.32 -26.79
CA ALA B 29 -9.72 -18.86 -25.70
C ALA B 29 -10.50 -19.83 -24.79
N HIS B 30 -11.77 -19.56 -24.50
CA HIS B 30 -12.63 -20.47 -23.74
C HIS B 30 -12.97 -21.73 -24.53
N PHE B 31 -13.18 -21.61 -25.85
CA PHE B 31 -13.38 -22.82 -26.65
C PHE B 31 -12.12 -23.66 -26.69
N LEU B 32 -10.94 -23.05 -26.85
CA LEU B 32 -9.65 -23.77 -26.82
C LEU B 32 -9.40 -24.41 -25.46
N ALA B 33 -9.73 -23.73 -24.37
CA ALA B 33 -9.69 -24.31 -23.05
C ALA B 33 -10.67 -25.49 -22.91
N PHE B 34 -11.89 -25.43 -23.47
CA PHE B 34 -12.79 -26.57 -23.42
C PHE B 34 -12.21 -27.76 -24.18
N SER B 35 -11.56 -27.51 -25.33
CA SER B 35 -11.04 -28.59 -26.15
C SER B 35 -9.74 -29.20 -25.62
N LEU B 36 -8.85 -28.44 -25.01
CA LEU B 36 -7.49 -28.88 -24.65
C LEU B 36 -7.29 -29.20 -23.16
N THR B 37 -8.26 -28.92 -22.30
CA THR B 37 -8.17 -28.95 -20.82
C THR B 37 -9.16 -29.96 -20.22
N PRO B 38 -8.95 -30.51 -19.00
CA PRO B 38 -9.96 -31.32 -18.33
C PRO B 38 -11.19 -30.53 -17.79
N TRP B 39 -11.27 -29.22 -18.01
CA TRP B 39 -12.41 -28.38 -17.63
C TRP B 39 -13.68 -28.77 -18.41
N LEU B 40 -14.81 -28.88 -17.69
CA LEU B 40 -16.09 -29.42 -18.19
C LEU B 40 -16.00 -30.83 -18.77
N HIS B 41 -14.96 -31.61 -18.44
CA HIS B 41 -14.76 -32.93 -19.05
C HIS B 41 -14.74 -34.01 -17.99
N ASN C 2 -34.62 7.35 -4.32
CA ASN C 2 -34.92 8.65 -3.71
C ASN C 2 -33.67 9.46 -3.30
N GLN C 3 -32.47 8.97 -3.58
CA GLN C 3 -31.18 9.57 -3.23
C GLN C 3 -30.56 10.45 -4.34
N GLY C 4 -31.34 10.81 -5.36
CA GLY C 4 -30.87 11.42 -6.61
C GLY C 4 -30.28 12.82 -6.50
N LYS C 5 -30.44 13.51 -5.36
CA LYS C 5 -29.75 14.78 -5.07
C LYS C 5 -28.29 14.61 -4.64
N ILE C 6 -27.77 13.38 -4.48
CA ILE C 6 -26.39 13.15 -4.03
C ILE C 6 -25.33 13.72 -4.97
N TRP C 7 -25.60 13.84 -6.27
CA TRP C 7 -24.68 14.44 -7.24
C TRP C 7 -24.63 15.98 -7.21
N THR C 8 -25.43 16.62 -6.34
CA THR C 8 -25.26 18.03 -5.97
C THR C 8 -24.16 18.22 -4.90
N VAL C 9 -23.76 17.15 -4.21
CA VAL C 9 -22.81 17.17 -3.08
C VAL C 9 -21.53 16.39 -3.41
N VAL C 10 -21.66 15.23 -4.05
CA VAL C 10 -20.53 14.37 -4.46
C VAL C 10 -20.27 14.61 -5.95
N ASN C 11 -19.00 14.79 -6.32
CA ASN C 11 -18.62 14.95 -7.72
C ASN C 11 -18.82 13.61 -8.45
N PRO C 12 -19.66 13.51 -9.50
CA PRO C 12 -19.91 12.24 -10.16
C PRO C 12 -18.69 11.71 -10.92
N ALA C 13 -17.75 12.57 -11.31
CA ALA C 13 -16.48 12.17 -11.92
C ALA C 13 -15.54 11.40 -10.96
N VAL C 14 -15.72 11.57 -9.64
CA VAL C 14 -15.01 10.77 -8.63
C VAL C 14 -15.89 9.62 -8.14
N GLY C 15 -17.15 9.92 -7.80
CA GLY C 15 -18.06 8.97 -7.16
C GLY C 15 -18.55 7.83 -8.05
N LEU C 16 -18.73 8.04 -9.36
CA LEU C 16 -19.19 6.98 -10.27
C LEU C 16 -18.09 5.94 -10.59
N PRO C 17 -16.82 6.32 -10.85
CA PRO C 17 -15.70 5.38 -10.81
C PRO C 17 -15.51 4.65 -9.48
N LEU C 18 -15.67 5.33 -8.33
CA LEU C 18 -15.60 4.69 -7.01
C LEU C 18 -16.71 3.64 -6.81
N LEU C 19 -17.94 3.92 -7.24
CA LEU C 19 -19.06 2.98 -7.19
C LEU C 19 -18.77 1.73 -8.04
N LEU C 20 -18.46 1.91 -9.32
CA LEU C 20 -18.20 0.80 -10.24
C LEU C 20 -16.98 -0.03 -9.83
N GLY C 21 -15.90 0.63 -9.40
CA GLY C 21 -14.70 -0.02 -8.88
C GLY C 21 -14.95 -0.80 -7.58
N SER C 22 -15.76 -0.27 -6.67
CA SER C 22 -16.13 -0.96 -5.42
C SER C 22 -16.97 -2.22 -5.68
N VAL C 23 -17.92 -2.15 -6.61
CA VAL C 23 -18.74 -3.28 -7.03
C VAL C 23 -17.88 -4.38 -7.66
N ALA C 24 -16.96 -4.03 -8.57
CA ALA C 24 -16.03 -4.98 -9.19
C ALA C 24 -15.07 -5.64 -8.18
N ILE C 25 -14.51 -4.87 -7.24
CA ILE C 25 -13.66 -5.42 -6.17
C ILE C 25 -14.46 -6.37 -5.27
N THR C 26 -15.70 -6.00 -4.92
CA THR C 26 -16.57 -6.85 -4.09
C THR C 26 -16.88 -8.18 -4.78
N ALA C 27 -17.17 -8.17 -6.08
CA ALA C 27 -17.42 -9.39 -6.85
C ALA C 27 -16.21 -10.34 -6.90
N LEU C 28 -14.99 -9.79 -7.04
CA LEU C 28 -13.75 -10.56 -6.96
C LEU C 28 -13.52 -11.16 -5.57
N LEU C 29 -13.75 -10.39 -4.51
CA LEU C 29 -13.63 -10.86 -3.13
C LEU C 29 -14.63 -11.98 -2.81
N VAL C 30 -15.88 -11.88 -3.26
CA VAL C 30 -16.87 -12.94 -3.09
C VAL C 30 -16.47 -14.19 -3.87
N HIS C 31 -16.01 -14.06 -5.12
CA HIS C 31 -15.56 -15.22 -5.89
C HIS C 31 -14.37 -15.89 -5.22
N LEU C 32 -13.42 -15.10 -4.71
CA LEU C 32 -12.25 -15.67 -4.04
C LEU C 32 -12.64 -16.39 -2.76
N ALA C 33 -13.57 -15.82 -1.99
CA ALA C 33 -14.07 -16.39 -0.75
C ALA C 33 -14.75 -17.74 -1.01
N VAL C 34 -15.57 -17.85 -2.07
CA VAL C 34 -16.22 -19.10 -2.43
C VAL C 34 -15.21 -20.12 -2.93
N LEU C 35 -14.19 -19.66 -3.69
CA LEU C 35 -13.16 -20.58 -4.15
C LEU C 35 -12.34 -21.14 -3.01
N THR C 36 -12.06 -20.34 -1.98
CA THR C 36 -11.22 -20.80 -0.89
C THR C 36 -11.97 -21.56 0.19
N HIS C 37 -13.30 -21.54 0.20
CA HIS C 37 -14.03 -22.23 1.26
C HIS C 37 -15.00 -23.30 0.77
N THR C 38 -14.89 -23.73 -0.49
CA THR C 38 -15.65 -24.87 -0.99
C THR C 38 -14.71 -25.84 -1.67
N THR C 39 -15.13 -27.10 -1.80
CA THR C 39 -14.42 -28.12 -2.61
C THR C 39 -14.99 -28.20 -4.02
N TRP C 40 -16.27 -27.86 -4.24
CA TRP C 40 -16.92 -27.95 -5.54
C TRP C 40 -16.48 -26.90 -6.55
N PHE C 41 -16.14 -25.66 -6.16
CA PHE C 41 -15.62 -24.68 -7.12
C PHE C 41 -14.18 -25.01 -7.56
N PRO C 42 -13.23 -25.42 -6.69
CA PRO C 42 -11.95 -25.96 -7.17
C PRO C 42 -12.08 -27.22 -7.98
N ALA C 43 -13.06 -28.09 -7.68
CA ALA C 43 -13.30 -29.32 -8.45
C ALA C 43 -13.88 -29.02 -9.84
N PHE C 44 -14.70 -27.96 -9.98
CA PHE C 44 -15.17 -27.46 -11.26
C PHE C 44 -14.03 -26.86 -12.08
N GLN C 45 -13.11 -26.16 -11.42
CA GLN C 45 -11.93 -25.65 -12.11
C GLN C 45 -11.01 -26.78 -12.56
N GLN C 46 -10.86 -27.84 -11.77
CA GLN C 46 -10.03 -29.02 -12.07
C GLN C 46 -10.58 -29.92 -13.18
N GLY C 47 -11.87 -30.29 -13.12
CA GLY C 47 -12.49 -31.23 -14.07
C GLY C 47 -11.94 -32.66 -13.97
N GLY C 48 -12.07 -33.43 -15.05
CA GLY C 48 -11.56 -34.81 -15.14
C GLY C 48 -12.33 -35.78 -14.23
N ALA D 1 -17.57 18.07 -12.25
CA ALA D 1 -17.98 18.94 -11.12
C ALA D 1 -19.36 18.52 -10.60
N VAL D 2 -19.77 19.00 -9.43
CA VAL D 2 -21.13 18.79 -8.89
C VAL D 2 -22.21 19.43 -9.75
N LEU D 3 -23.38 18.81 -9.77
CA LEU D 3 -24.43 19.09 -10.74
C LEU D 3 -25.53 20.01 -10.17
N SER D 4 -26.36 20.55 -11.05
CA SER D 4 -27.63 21.17 -10.66
C SER D 4 -28.58 20.11 -10.08
N PRO D 5 -29.58 20.44 -9.23
CA PRO D 5 -30.55 19.46 -8.73
C PRO D 5 -31.25 18.66 -9.83
N GLU D 6 -31.61 19.28 -10.95
CA GLU D 6 -32.27 18.63 -12.10
C GLU D 6 -31.31 17.69 -12.86
N GLN D 7 -30.08 18.14 -13.11
CA GLN D 7 -29.02 17.34 -13.72
C GLN D 7 -28.63 16.13 -12.86
N SER D 8 -28.68 16.28 -11.54
CA SER D 8 -28.38 15.20 -10.59
C SER D 8 -29.44 14.09 -10.67
N GLU D 9 -30.72 14.47 -10.71
CA GLU D 9 -31.81 13.53 -10.87
C GLU D 9 -31.77 12.82 -12.23
N GLU D 10 -31.43 13.53 -13.32
CA GLU D 10 -31.22 12.91 -14.63
C GLU D 10 -30.07 11.90 -14.66
N LEU D 11 -28.93 12.21 -14.03
CA LEU D 11 -27.82 11.27 -13.88
C LEU D 11 -28.18 10.06 -13.02
N HIS D 12 -28.90 10.27 -11.91
CA HIS D 12 -29.22 9.17 -10.99
C HIS D 12 -30.17 8.13 -11.61
N LYS D 13 -30.99 8.50 -12.59
CA LYS D 13 -31.80 7.52 -13.34
C LYS D 13 -30.93 6.50 -14.09
N TYR D 14 -29.81 6.92 -14.68
CA TYR D 14 -28.86 6.01 -15.31
C TYR D 14 -28.13 5.12 -14.29
N VAL D 15 -27.81 5.66 -13.10
CA VAL D 15 -27.20 4.88 -12.01
C VAL D 15 -28.16 3.82 -11.49
N ILE D 16 -29.44 4.16 -11.30
CA ILE D 16 -30.49 3.24 -10.83
C ILE D 16 -30.86 2.19 -11.87
N ASP D 17 -30.94 2.55 -13.16
CA ASP D 17 -31.14 1.60 -14.25
C ASP D 17 -29.96 0.64 -14.41
N GLY D 18 -28.73 1.13 -14.24
CA GLY D 18 -27.52 0.30 -14.22
C GLY D 18 -27.49 -0.68 -13.06
N ALA D 19 -27.86 -0.25 -11.85
CA ALA D 19 -27.99 -1.13 -10.70
C ALA D 19 -29.13 -2.16 -10.85
N ARG D 20 -30.27 -1.79 -11.45
CA ARG D 20 -31.37 -2.74 -11.76
C ARG D 20 -30.98 -3.79 -12.81
N ALA D 21 -30.19 -3.41 -13.82
CA ALA D 21 -29.64 -4.33 -14.81
C ALA D 21 -28.62 -5.29 -14.18
N PHE D 22 -27.74 -4.79 -13.32
CA PHE D 22 -26.83 -5.62 -12.55
C PHE D 22 -27.58 -6.59 -11.64
N LEU D 23 -28.61 -6.13 -10.92
CA LEU D 23 -29.44 -6.96 -10.06
C LEU D 23 -30.12 -8.08 -10.84
N GLY D 24 -30.66 -7.79 -12.02
CA GLY D 24 -31.31 -8.82 -12.83
C GLY D 24 -30.34 -9.90 -13.29
N ILE D 25 -29.16 -9.51 -13.76
CA ILE D 25 -28.14 -10.49 -14.17
C ILE D 25 -27.71 -11.31 -12.96
N ALA D 26 -27.57 -10.69 -11.77
CA ALA D 26 -27.19 -11.41 -10.57
C ALA D 26 -28.28 -12.37 -10.10
N LEU D 27 -29.56 -12.02 -10.22
CA LEU D 27 -30.69 -12.92 -9.96
C LEU D 27 -30.68 -14.13 -10.90
N VAL D 28 -30.36 -13.99 -12.19
CA VAL D 28 -30.21 -15.15 -13.09
C VAL D 28 -28.99 -16.01 -12.72
N ALA D 29 -27.85 -15.39 -12.38
CA ALA D 29 -26.66 -16.11 -11.93
C ALA D 29 -26.87 -16.87 -10.61
N HIS D 30 -27.63 -16.32 -9.66
CA HIS D 30 -28.00 -17.03 -8.43
C HIS D 30 -28.97 -18.16 -8.69
N PHE D 31 -29.91 -17.99 -9.61
CA PHE D 31 -30.78 -19.12 -9.95
C PHE D 31 -29.98 -20.24 -10.64
N LEU D 32 -29.06 -19.91 -11.55
CA LEU D 32 -28.19 -20.89 -12.20
C LEU D 32 -27.27 -21.59 -11.19
N ALA D 33 -26.74 -20.85 -10.22
CA ALA D 33 -26.01 -21.43 -9.12
C ALA D 33 -26.89 -22.36 -8.27
N PHE D 34 -28.15 -22.02 -7.99
CA PHE D 34 -29.03 -22.93 -7.27
C PHE D 34 -29.27 -24.22 -8.05
N SER D 35 -29.42 -24.11 -9.37
CA SER D 35 -29.72 -25.28 -10.19
C SER D 35 -28.52 -26.18 -10.46
N LEU D 36 -27.31 -25.63 -10.61
CA LEU D 36 -26.13 -26.37 -11.08
C LEU D 36 -25.12 -26.75 -9.98
N THR D 37 -25.29 -26.25 -8.75
CA THR D 37 -24.31 -26.31 -7.64
C THR D 37 -24.89 -27.06 -6.44
N PRO D 38 -24.09 -27.66 -5.53
CA PRO D 38 -24.60 -28.23 -4.28
C PRO D 38 -25.07 -27.18 -3.23
N TRP D 39 -25.03 -25.89 -3.53
CA TRP D 39 -25.52 -24.81 -2.66
C TRP D 39 -27.04 -24.88 -2.47
N LEU D 40 -27.50 -24.75 -1.21
CA LEU D 40 -28.88 -24.98 -0.76
C LEU D 40 -29.42 -26.38 -1.09
N HIS D 41 -28.56 -27.37 -1.35
CA HIS D 41 -29.03 -28.69 -1.76
C HIS D 41 -28.55 -29.76 -0.79
N ASN E 2 -5.29 0.03 -35.24
CA ASN E 2 -6.41 0.93 -35.58
C ASN E 2 -6.88 1.82 -34.40
N GLN E 3 -6.20 1.75 -33.25
CA GLN E 3 -6.53 2.48 -32.01
C GLN E 3 -5.76 3.81 -31.85
N GLY E 4 -5.12 4.30 -32.91
CA GLY E 4 -4.15 5.40 -32.88
C GLY E 4 -4.69 6.78 -32.49
N LYS E 5 -6.02 6.97 -32.46
CA LYS E 5 -6.67 8.18 -31.91
C LYS E 5 -6.71 8.22 -30.37
N ILE E 6 -6.28 7.18 -29.66
CA ILE E 6 -6.34 7.13 -28.19
C ILE E 6 -5.53 8.22 -27.49
N TRP E 7 -4.45 8.72 -28.12
CA TRP E 7 -3.64 9.82 -27.57
C TRP E 7 -4.27 11.22 -27.75
N THR E 8 -5.45 11.31 -28.38
CA THR E 8 -6.31 12.51 -28.32
C THR E 8 -7.14 12.57 -27.04
N VAL E 9 -7.27 11.44 -26.32
CA VAL E 9 -8.12 11.29 -25.12
C VAL E 9 -7.28 11.00 -23.87
N VAL E 10 -6.28 10.14 -23.98
CA VAL E 10 -5.37 9.77 -22.88
C VAL E 10 -4.07 10.56 -23.05
N ASN E 11 -3.57 11.16 -21.98
CA ASN E 11 -2.31 11.88 -22.00
C ASN E 11 -1.15 10.87 -22.18
N PRO E 12 -0.33 10.95 -23.24
CA PRO E 12 0.72 9.96 -23.45
C PRO E 12 1.85 10.03 -22.41
N ALA E 13 2.03 11.17 -21.73
CA ALA E 13 2.96 11.32 -20.62
C ALA E 13 2.57 10.51 -19.37
N VAL E 14 1.29 10.16 -19.21
CA VAL E 14 0.81 9.24 -18.16
C VAL E 14 0.66 7.84 -18.70
N GLY E 15 0.02 7.68 -19.86
CA GLY E 15 -0.35 6.39 -20.43
C GLY E 15 0.81 5.54 -20.95
N LEU E 16 1.87 6.15 -21.49
CA LEU E 16 3.02 5.40 -22.01
C LEU E 16 3.91 4.82 -20.88
N PRO E 17 4.24 5.55 -19.80
CA PRO E 17 4.78 4.95 -18.58
C PRO E 17 3.90 3.88 -17.94
N LEU E 18 2.57 4.05 -17.91
CA LEU E 18 1.64 3.03 -17.41
C LEU E 18 1.67 1.75 -18.25
N LEU E 19 1.72 1.86 -19.57
CA LEU E 19 1.85 0.72 -20.50
C LEU E 19 3.16 -0.04 -20.25
N LEU E 20 4.30 0.64 -20.31
CA LEU E 20 5.60 0.01 -20.14
C LEU E 20 5.79 -0.59 -18.74
N GLY E 21 5.34 0.11 -17.70
CA GLY E 21 5.34 -0.38 -16.33
C GLY E 21 4.44 -1.60 -16.11
N SER E 22 3.25 -1.63 -16.74
CA SER E 22 2.34 -2.78 -16.65
C SER E 22 2.90 -4.03 -17.34
N VAL E 23 3.55 -3.86 -18.49
CA VAL E 23 4.23 -4.94 -19.22
C VAL E 23 5.38 -5.51 -18.40
N ALA E 24 6.22 -4.66 -17.81
CA ALA E 24 7.33 -5.08 -16.95
C ALA E 24 6.85 -5.81 -15.66
N ILE E 25 5.81 -5.30 -15.00
CA ILE E 25 5.20 -5.98 -13.83
C ILE E 25 4.63 -7.34 -14.23
N THR E 26 3.94 -7.43 -15.37
CA THR E 26 3.37 -8.69 -15.86
C THR E 26 4.46 -9.73 -16.12
N ALA E 27 5.58 -9.33 -16.74
CA ALA E 27 6.69 -10.24 -17.00
C ALA E 27 7.34 -10.79 -15.72
N LEU E 28 7.47 -9.95 -14.68
CA LEU E 28 7.93 -10.39 -13.36
C LEU E 28 6.96 -11.36 -12.70
N LEU E 29 5.65 -11.09 -12.76
CA LEU E 29 4.62 -11.97 -12.20
C LEU E 29 4.58 -13.33 -12.91
N VAL E 30 4.73 -13.37 -14.24
CA VAL E 30 4.81 -14.64 -14.99
C VAL E 30 6.08 -15.40 -14.62
N HIS E 31 7.23 -14.74 -14.52
CA HIS E 31 8.46 -15.42 -14.12
C HIS E 31 8.34 -15.98 -12.70
N LEU E 32 7.75 -15.22 -11.79
CA LEU E 32 7.58 -15.69 -10.42
C LEU E 32 6.64 -16.88 -10.35
N ALA E 33 5.54 -16.86 -11.12
CA ALA E 33 4.57 -17.92 -11.20
C ALA E 33 5.20 -19.22 -11.72
N VAL E 34 6.05 -19.14 -12.75
CA VAL E 34 6.75 -20.30 -13.28
C VAL E 34 7.79 -20.80 -12.29
N LEU E 35 8.47 -19.90 -11.59
CA LEU E 35 9.45 -20.31 -10.59
C LEU E 35 8.78 -21.04 -9.42
N THR E 36 7.60 -20.60 -9.01
CA THR E 36 6.94 -21.20 -7.86
C THR E 36 6.13 -22.45 -8.18
N HIS E 37 5.87 -22.74 -9.45
CA HIS E 37 5.05 -23.90 -9.78
C HIS E 37 5.75 -24.94 -10.67
N THR E 38 7.06 -24.86 -10.82
CA THR E 38 7.81 -25.90 -11.50
C THR E 38 9.00 -26.32 -10.65
N THR E 39 9.53 -27.52 -10.89
CA THR E 39 10.78 -27.99 -10.27
C THR E 39 11.99 -27.72 -11.16
N TRP E 40 11.81 -27.63 -12.49
CA TRP E 40 12.90 -27.42 -13.44
C TRP E 40 13.48 -26.00 -13.43
N PHE E 41 12.70 -24.94 -13.19
CA PHE E 41 13.27 -23.58 -13.08
C PHE E 41 14.07 -23.39 -11.77
N PRO E 42 13.62 -23.86 -10.59
CA PRO E 42 14.49 -23.86 -9.40
C PRO E 42 15.71 -24.76 -9.56
N ALA E 43 15.59 -25.90 -10.27
CA ALA E 43 16.73 -26.79 -10.53
C ALA E 43 17.75 -26.17 -11.48
N PHE E 44 17.31 -25.36 -12.45
CA PHE E 44 18.19 -24.57 -13.32
C PHE E 44 18.89 -23.47 -12.52
N GLN E 45 18.19 -22.85 -11.58
CA GLN E 45 18.83 -21.87 -10.70
C GLN E 45 19.85 -22.52 -9.78
N GLN E 46 19.58 -23.73 -9.28
CA GLN E 46 20.46 -24.49 -8.38
C GLN E 46 21.72 -25.05 -9.07
N GLY E 47 21.59 -25.71 -10.22
CA GLY E 47 22.69 -26.38 -10.92
C GLY E 47 23.26 -27.58 -10.16
N GLY E 48 24.51 -27.93 -10.44
CA GLY E 48 25.22 -29.04 -9.78
C GLY E 48 24.66 -30.41 -10.13
N ALA F 1 0.74 16.52 -22.62
CA ALA F 1 -0.68 16.83 -22.85
C ALA F 1 -1.24 15.95 -23.97
N VAL F 2 -2.56 15.88 -24.13
CA VAL F 2 -3.21 15.17 -25.25
C VAL F 2 -2.88 15.80 -26.61
N LEU F 3 -2.83 14.97 -27.63
CA LEU F 3 -2.27 15.32 -28.93
C LEU F 3 -3.34 15.68 -29.97
N SER F 4 -2.93 16.30 -31.07
CA SER F 4 -3.74 16.43 -32.27
C SER F 4 -4.02 15.03 -32.88
N PRO F 5 -5.10 14.80 -33.65
CA PRO F 5 -5.34 13.52 -34.30
C PRO F 5 -4.17 13.01 -35.14
N GLU F 6 -3.46 13.88 -35.86
CA GLU F 6 -2.30 13.53 -36.69
C GLU F 6 -1.07 13.18 -35.84
N GLN F 7 -0.80 13.95 -34.79
CA GLN F 7 0.27 13.69 -33.82
C GLN F 7 0.04 12.38 -33.05
N SER F 8 -1.21 12.04 -32.77
CA SER F 8 -1.59 10.80 -32.09
C SER F 8 -1.28 9.59 -32.96
N GLU F 9 -1.63 9.64 -34.24
CA GLU F 9 -1.32 8.57 -35.19
C GLU F 9 0.20 8.41 -35.39
N GLU F 10 0.96 9.51 -35.45
CA GLU F 10 2.43 9.47 -35.50
C GLU F 10 3.05 8.83 -34.25
N LEU F 11 2.58 9.16 -33.04
CA LEU F 11 3.03 8.52 -31.81
C LEU F 11 2.65 7.03 -31.77
N HIS F 12 1.44 6.67 -32.19
CA HIS F 12 0.99 5.27 -32.10
C HIS F 12 1.78 4.33 -33.00
N LYS F 13 2.36 4.80 -34.10
CA LYS F 13 3.28 3.99 -34.93
C LYS F 13 4.50 3.53 -34.14
N TYR F 14 5.07 4.38 -33.28
CA TYR F 14 6.18 3.99 -32.40
C TYR F 14 5.74 3.01 -31.31
N VAL F 15 4.52 3.15 -30.78
CA VAL F 15 3.96 2.22 -29.79
C VAL F 15 3.72 0.84 -30.42
N ILE F 16 3.19 0.79 -31.64
CA ILE F 16 2.94 -0.45 -32.38
C ILE F 16 4.22 -1.13 -32.85
N ASP F 17 5.21 -0.38 -33.31
CA ASP F 17 6.54 -0.91 -33.65
C ASP F 17 7.28 -1.45 -32.42
N GLY F 18 7.16 -0.77 -31.27
CA GLY F 18 7.69 -1.25 -29.99
C GLY F 18 7.02 -2.54 -29.51
N ALA F 19 5.70 -2.65 -29.62
CA ALA F 19 4.98 -3.88 -29.32
C ALA F 19 5.33 -5.03 -30.29
N ARG F 20 5.51 -4.76 -31.59
CA ARG F 20 5.97 -5.77 -32.57
C ARG F 20 7.39 -6.26 -32.31
N ALA F 21 8.30 -5.39 -31.88
CA ALA F 21 9.65 -5.74 -31.48
C ALA F 21 9.65 -6.59 -30.20
N PHE F 22 8.83 -6.23 -29.21
CA PHE F 22 8.63 -7.04 -28.02
C PHE F 22 8.06 -8.41 -28.35
N LEU F 23 7.03 -8.49 -29.22
CA LEU F 23 6.43 -9.75 -29.68
C LEU F 23 7.46 -10.65 -30.35
N GLY F 24 8.30 -10.10 -31.22
CA GLY F 24 9.32 -10.90 -31.90
C GLY F 24 10.33 -11.49 -30.94
N ILE F 25 10.83 -10.70 -29.98
CA ILE F 25 11.77 -11.20 -28.97
C ILE F 25 11.08 -12.28 -28.12
N ALA F 26 9.79 -12.08 -27.77
CA ALA F 26 9.06 -13.06 -26.99
C ALA F 26 8.82 -14.36 -27.77
N LEU F 27 8.56 -14.30 -29.08
CA LEU F 27 8.46 -15.48 -29.95
C LEU F 27 9.79 -16.25 -30.01
N VAL F 28 10.95 -15.59 -30.05
CA VAL F 28 12.25 -16.29 -29.97
C VAL F 28 12.46 -16.92 -28.58
N ALA F 29 12.13 -16.21 -27.50
CA ALA F 29 12.23 -16.74 -26.14
C ALA F 29 11.31 -17.94 -25.89
N HIS F 30 10.09 -17.95 -26.45
CA HIS F 30 9.20 -19.10 -26.37
C HIS F 30 9.69 -20.27 -27.20
N PHE F 31 10.28 -20.02 -28.37
CA PHE F 31 10.88 -21.12 -29.11
C PHE F 31 12.07 -21.72 -28.36
N LEU F 32 12.95 -20.88 -27.77
CA LEU F 32 14.08 -21.35 -26.96
C LEU F 32 13.61 -22.11 -25.72
N ALA F 33 12.54 -21.65 -25.08
CA ALA F 33 11.91 -22.39 -24.00
C ALA F 33 11.35 -23.73 -24.48
N PHE F 34 10.73 -23.82 -25.67
CA PHE F 34 10.27 -25.11 -26.18
C PHE F 34 11.44 -26.05 -26.42
N SER F 35 12.56 -25.54 -26.93
CA SER F 35 13.70 -26.38 -27.26
C SER F 35 14.52 -26.82 -26.04
N LEU F 36 14.67 -25.98 -25.00
CA LEU F 36 15.60 -26.21 -23.88
C LEU F 36 14.93 -26.70 -22.58
N THR F 37 13.61 -26.72 -22.50
CA THR F 37 12.80 -26.94 -21.28
C THR F 37 11.90 -28.17 -21.41
N PRO F 38 11.47 -28.84 -20.32
CA PRO F 38 10.47 -29.91 -20.40
C PRO F 38 9.04 -29.44 -20.74
N TRP F 39 8.80 -28.15 -20.96
CA TRP F 39 7.50 -27.58 -21.37
C TRP F 39 7.08 -28.09 -22.76
N LEU F 40 5.81 -28.50 -22.89
CA LEU F 40 5.24 -29.19 -24.06
C LEU F 40 5.99 -30.48 -24.45
N HIS F 41 6.78 -31.09 -23.56
CA HIS F 41 7.58 -32.24 -23.91
C HIS F 41 7.21 -33.44 -23.04
N ASN G 2 30.80 11.08 -14.17
CA ASN G 2 30.54 11.76 -15.46
C ASN G 2 29.05 12.03 -15.73
N GLN G 3 28.16 11.74 -14.78
CA GLN G 3 26.70 11.90 -14.89
C GLN G 3 26.17 13.22 -14.30
N GLY G 4 27.05 14.20 -14.04
CA GLY G 4 26.77 15.41 -13.26
C GLY G 4 25.78 16.40 -13.89
N LYS G 5 25.43 16.24 -15.17
CA LYS G 5 24.35 17.00 -15.82
C LYS G 5 22.93 16.50 -15.48
N ILE G 6 22.78 15.40 -14.73
CA ILE G 6 21.46 14.83 -14.41
C ILE G 6 20.55 15.79 -13.61
N TRP G 7 21.12 16.70 -12.82
CA TRP G 7 20.35 17.70 -12.07
C TRP G 7 19.84 18.88 -12.91
N THR G 8 20.16 18.91 -14.22
CA THR G 8 19.48 19.77 -15.21
C THR G 8 18.15 19.18 -15.68
N VAL G 9 17.92 17.88 -15.45
CA VAL G 9 16.74 17.13 -15.92
C VAL G 9 15.88 16.64 -14.77
N VAL G 10 16.50 16.11 -13.71
CA VAL G 10 15.82 15.62 -12.50
C VAL G 10 15.90 16.70 -11.42
N ASN G 11 14.78 16.98 -10.76
CA ASN G 11 14.75 17.94 -9.66
C ASN G 11 15.52 17.36 -8.46
N PRO G 12 16.60 18.00 -7.96
CA PRO G 12 17.36 17.42 -6.85
C PRO G 12 16.60 17.38 -5.53
N ALA G 13 15.57 18.22 -5.36
CA ALA G 13 14.69 18.19 -4.20
C ALA G 13 13.80 16.92 -4.13
N VAL G 14 13.57 16.26 -5.26
CA VAL G 14 12.89 14.95 -5.31
C VAL G 14 13.91 13.82 -5.39
N GLY G 15 14.89 13.94 -6.27
CA GLY G 15 15.85 12.87 -6.58
C GLY G 15 16.85 12.56 -5.48
N LEU G 16 17.31 13.54 -4.69
CA LEU G 16 18.27 13.32 -3.62
C LEU G 16 17.66 12.62 -2.39
N PRO G 17 16.44 12.98 -1.91
CA PRO G 17 15.68 12.13 -0.99
C PRO G 17 15.36 10.72 -1.51
N LEU G 18 15.02 10.56 -2.80
CA LEU G 18 14.80 9.24 -3.40
C LEU G 18 16.07 8.38 -3.41
N LEU G 19 17.23 8.95 -3.71
CA LEU G 19 18.53 8.26 -3.65
C LEU G 19 18.85 7.80 -2.23
N LEU G 20 18.84 8.71 -1.26
CA LEU G 20 19.17 8.38 0.13
C LEU G 20 18.18 7.39 0.75
N GLY G 21 16.88 7.56 0.49
CA GLY G 21 15.85 6.64 0.92
C GLY G 21 15.96 5.25 0.28
N SER G 22 16.31 5.15 -0.99
CA SER G 22 16.52 3.87 -1.68
C SER G 22 17.73 3.11 -1.13
N VAL G 23 18.83 3.81 -0.84
CA VAL G 23 20.04 3.24 -0.22
C VAL G 23 19.72 2.70 1.18
N ALA G 24 19.02 3.47 2.02
CA ALA G 24 18.60 3.05 3.35
C ALA G 24 17.64 1.84 3.33
N ILE G 25 16.66 1.81 2.43
CA ILE G 25 15.76 0.65 2.26
C ILE G 25 16.54 -0.58 1.80
N THR G 26 17.48 -0.42 0.87
CA THR G 26 18.32 -1.52 0.39
C THR G 26 19.16 -2.13 1.51
N ALA G 27 19.76 -1.30 2.36
CA ALA G 27 20.56 -1.76 3.50
C ALA G 27 19.74 -2.55 4.53
N LEU G 28 18.50 -2.12 4.80
CA LEU G 28 17.56 -2.87 5.64
C LEU G 28 17.17 -4.21 5.02
N LEU G 29 16.88 -4.25 3.72
CA LEU G 29 16.54 -5.48 3.01
C LEU G 29 17.70 -6.48 3.00
N VAL G 30 18.93 -6.02 2.80
CA VAL G 30 20.12 -6.89 2.86
C VAL G 30 20.32 -7.42 4.29
N HIS G 31 20.19 -6.58 5.31
CA HIS G 31 20.31 -7.04 6.69
C HIS G 31 19.23 -8.07 7.03
N LEU G 32 18.00 -7.84 6.58
CA LEU G 32 16.91 -8.78 6.84
C LEU G 32 17.16 -10.12 6.14
N ALA G 33 17.64 -10.08 4.90
CA ALA G 33 17.95 -11.26 4.10
C ALA G 33 19.04 -12.09 4.77
N VAL G 34 20.10 -11.46 5.29
CA VAL G 34 21.16 -12.17 6.00
C VAL G 34 20.65 -12.73 7.33
N LEU G 35 19.79 -12.00 8.02
CA LEU G 35 19.22 -12.49 9.27
C LEU G 35 18.34 -13.72 9.04
N THR G 36 17.58 -13.73 7.95
CA THR G 36 16.64 -14.83 7.70
C THR G 36 17.29 -16.04 7.04
N HIS G 37 18.50 -15.93 6.50
CA HIS G 37 19.11 -17.07 5.81
C HIS G 37 20.43 -17.52 6.40
N THR G 38 20.79 -17.10 7.61
CA THR G 38 21.95 -17.63 8.30
C THR G 38 21.55 -18.02 9.72
N THR G 39 22.33 -18.91 10.34
CA THR G 39 22.19 -19.26 11.77
C THR G 39 23.11 -18.42 12.65
N TRP G 40 24.24 -17.91 12.12
CA TRP G 40 25.21 -17.13 12.89
C TRP G 40 24.76 -15.72 13.23
N PHE G 41 23.97 -15.02 12.40
CA PHE G 41 23.45 -13.69 12.77
C PHE G 41 22.34 -13.79 13.84
N PRO G 42 21.38 -14.73 13.78
CA PRO G 42 20.47 -14.94 14.91
C PRO G 42 21.19 -15.42 16.17
N ALA G 43 22.25 -16.22 16.05
CA ALA G 43 23.04 -16.67 17.19
C ALA G 43 23.84 -15.54 17.84
N PHE G 44 24.32 -14.58 17.05
CA PHE G 44 24.95 -13.35 17.55
C PHE G 44 23.93 -12.47 18.27
N GLN G 45 22.71 -12.40 17.74
CA GLN G 45 21.65 -11.66 18.43
C GLN G 45 21.26 -12.33 19.74
N GLN G 46 21.23 -13.66 19.80
CA GLN G 46 20.88 -14.47 20.98
C GLN G 46 21.95 -14.43 22.09
N GLY G 47 23.22 -14.67 21.75
CA GLY G 47 24.31 -14.77 22.73
C GLY G 47 24.21 -15.99 23.64
N GLY G 48 24.82 -15.93 24.83
CA GLY G 48 24.79 -16.99 25.83
C GLY G 48 25.55 -18.25 25.41
N ALA H 1 14.05 23.10 -7.60
CA ALA H 1 13.88 23.11 -9.06
C ALA H 1 15.13 22.58 -9.76
N VAL H 2 15.06 22.26 -11.05
CA VAL H 2 16.23 21.85 -11.85
C VAL H 2 17.26 22.97 -11.99
N LEU H 3 18.53 22.59 -12.08
CA LEU H 3 19.66 23.49 -11.92
C LEU H 3 20.25 23.93 -13.27
N SER H 4 21.09 24.96 -13.24
CA SER H 4 21.97 25.31 -14.36
C SER H 4 23.02 24.19 -14.58
N PRO H 5 23.61 24.00 -15.77
CA PRO H 5 24.66 23.00 -15.98
C PRO H 5 25.83 23.09 -15.00
N GLU H 6 26.26 24.30 -14.63
CA GLU H 6 27.35 24.55 -13.68
C GLU H 6 26.95 24.22 -12.24
N GLN H 7 25.75 24.62 -11.82
CA GLN H 7 25.18 24.29 -10.52
C GLN H 7 24.95 22.79 -10.34
N SER H 8 24.60 22.09 -11.42
CA SER H 8 24.41 20.63 -11.43
C SER H 8 25.72 19.91 -11.17
N GLU H 9 26.79 20.32 -11.84
CA GLU H 9 28.13 19.76 -11.63
C GLU H 9 28.64 20.03 -10.21
N GLU H 10 28.40 21.24 -9.66
CA GLU H 10 28.73 21.56 -8.26
C GLU H 10 27.97 20.69 -7.25
N LEU H 11 26.67 20.46 -7.45
CA LEU H 11 25.88 19.56 -6.61
C LEU H 11 26.37 18.10 -6.73
N HIS H 12 26.68 17.63 -7.94
CA HIS H 12 27.05 16.23 -8.14
C HIS H 12 28.38 15.87 -7.48
N LYS H 13 29.29 16.82 -7.27
CA LYS H 13 30.51 16.59 -6.49
C LYS H 13 30.22 16.19 -5.05
N TYR H 14 29.21 16.78 -4.40
CA TYR H 14 28.77 16.38 -3.07
C TYR H 14 28.09 15.01 -3.06
N VAL H 15 27.34 14.67 -4.11
CA VAL H 15 26.71 13.34 -4.26
C VAL H 15 27.77 12.26 -4.44
N ILE H 16 28.80 12.51 -5.25
CA ILE H 16 29.90 11.58 -5.51
C ILE H 16 30.83 11.44 -4.29
N ASP H 17 31.13 12.52 -3.57
CA ASP H 17 31.89 12.45 -2.32
C ASP H 17 31.12 11.71 -1.21
N GLY H 18 29.79 11.90 -1.13
CA GLY H 18 28.92 11.14 -0.23
C GLY H 18 28.89 9.65 -0.55
N ALA H 19 28.78 9.28 -1.83
CA ALA H 19 28.86 7.89 -2.25
C ALA H 19 30.25 7.25 -2.01
N ARG H 20 31.35 8.00 -2.21
CA ARG H 20 32.71 7.53 -1.87
C ARG H 20 32.94 7.33 -0.37
N ALA H 21 32.37 8.19 0.47
CA ALA H 21 32.38 8.05 1.92
C ALA H 21 31.57 6.83 2.38
N PHE H 22 30.39 6.63 1.79
CA PHE H 22 29.59 5.43 2.04
C PHE H 22 30.33 4.16 1.61
N LEU H 23 30.95 4.15 0.42
CA LEU H 23 31.74 3.04 -0.08
C LEU H 23 32.90 2.68 0.86
N GLY H 24 33.62 3.68 1.36
CA GLY H 24 34.72 3.43 2.27
C GLY H 24 34.28 2.79 3.57
N ILE H 25 33.20 3.30 4.17
CA ILE H 25 32.64 2.72 5.40
C ILE H 25 32.17 1.28 5.12
N ALA H 26 31.56 1.04 3.96
CA ALA H 26 31.10 -0.30 3.59
C ALA H 26 32.27 -1.27 3.36
N LEU H 27 33.38 -0.82 2.77
CA LEU H 27 34.61 -1.61 2.63
C LEU H 27 35.21 -1.97 4.00
N VAL H 28 35.21 -1.08 4.99
CA VAL H 28 35.64 -1.45 6.36
C VAL H 28 34.67 -2.45 7.02
N ALA H 29 33.36 -2.26 6.87
CA ALA H 29 32.36 -3.19 7.39
C ALA H 29 32.44 -4.58 6.75
N HIS H 30 32.72 -4.69 5.45
CA HIS H 30 32.94 -5.97 4.79
C HIS H 30 34.23 -6.63 5.22
N PHE H 31 35.29 -5.86 5.44
CA PHE H 31 36.51 -6.46 5.99
C PHE H 31 36.28 -6.97 7.41
N LEU H 32 35.58 -6.22 8.27
CA LEU H 32 35.23 -6.65 9.63
C LEU H 32 34.34 -7.89 9.61
N ALA H 33 33.37 -7.94 8.69
CA ALA H 33 32.58 -9.14 8.47
C ALA H 33 33.45 -10.32 8.01
N PHE H 34 34.43 -10.14 7.14
CA PHE H 34 35.31 -11.23 6.75
C PHE H 34 36.12 -11.73 7.95
N SER H 35 36.57 -10.83 8.81
CA SER H 35 37.41 -11.21 9.95
C SER H 35 36.63 -11.83 11.10
N LEU H 36 35.40 -11.40 11.38
CA LEU H 36 34.65 -11.79 12.59
C LEU H 36 33.54 -12.84 12.37
N THR H 37 33.24 -13.19 11.12
CA THR H 37 32.07 -14.00 10.71
C THR H 37 32.51 -15.29 10.00
N PRO H 38 31.72 -16.38 9.97
CA PRO H 38 32.02 -17.55 9.15
C PRO H 38 31.88 -17.35 7.62
N TRP H 39 31.53 -16.14 7.15
CA TRP H 39 31.45 -15.81 5.72
C TRP H 39 32.82 -15.87 5.03
N LEU H 40 32.87 -16.51 3.85
CA LEU H 40 34.09 -16.86 3.10
C LEU H 40 35.09 -17.71 3.91
N HIS H 41 34.65 -18.39 4.97
CA HIS H 41 35.57 -19.14 5.83
C HIS H 41 35.20 -20.60 5.88
N ASN I 2 17.03 3.82 -31.07
CA ASN I 2 16.17 4.53 -32.03
C ASN I 2 14.90 5.15 -31.39
N GLN I 3 14.75 5.06 -30.06
CA GLN I 3 13.59 5.54 -29.29
C GLN I 3 13.79 6.95 -28.70
N GLY I 4 14.80 7.69 -29.14
CA GLY I 4 15.28 8.93 -28.53
C GLY I 4 14.32 10.12 -28.56
N LYS I 5 13.23 10.06 -29.35
CA LYS I 5 12.14 11.05 -29.32
C LYS I 5 11.17 10.87 -28.14
N ILE I 6 11.31 9.84 -27.30
CA ILE I 6 10.39 9.58 -26.18
C ILE I 6 10.36 10.70 -25.14
N TRP I 7 11.44 11.46 -24.97
CA TRP I 7 11.49 12.61 -24.05
C TRP I 7 10.79 13.88 -24.58
N THR I 8 10.25 13.84 -25.80
CA THR I 8 9.28 14.84 -26.30
C THR I 8 7.86 14.56 -25.80
N VAL I 9 7.58 13.35 -25.30
CA VAL I 9 6.24 12.89 -24.87
C VAL I 9 6.20 12.60 -23.37
N VAL I 10 7.24 11.95 -22.84
CA VAL I 10 7.36 11.61 -21.41
C VAL I 10 8.29 12.64 -20.75
N ASN I 11 7.89 13.16 -19.59
CA ASN I 11 8.70 14.10 -18.84
C ASN I 11 9.93 13.35 -18.26
N PRO I 12 11.18 13.72 -18.60
CA PRO I 12 12.35 12.99 -18.12
C PRO I 12 12.55 13.11 -16.60
N ALA I 13 12.03 14.16 -15.97
CA ALA I 13 12.06 14.33 -14.51
C ALA I 13 11.18 13.30 -13.77
N VAL I 14 10.18 12.71 -14.43
CA VAL I 14 9.39 11.59 -13.88
C VAL I 14 9.93 10.26 -14.40
N GLY I 15 10.16 10.16 -15.71
CA GLY I 15 10.51 8.90 -16.37
C GLY I 15 11.90 8.36 -16.07
N LEU I 16 12.91 9.21 -15.85
CA LEU I 16 14.28 8.76 -15.55
C LEU I 16 14.42 8.21 -14.11
N PRO I 17 13.85 8.84 -13.05
CA PRO I 17 13.67 8.19 -11.76
C PRO I 17 12.85 6.89 -11.79
N LEU I 18 11.78 6.81 -12.58
CA LEU I 18 10.99 5.58 -12.75
C LEU I 18 11.81 4.45 -13.39
N LEU I 19 12.63 4.75 -14.40
CA LEU I 19 13.52 3.79 -15.05
C LEU I 19 14.56 3.25 -14.05
N LEU I 20 15.32 4.14 -13.39
CA LEU I 20 16.36 3.74 -12.46
C LEU I 20 15.81 2.99 -11.23
N GLY I 21 14.67 3.45 -10.70
CA GLY I 21 13.97 2.78 -9.60
C GLY I 21 13.42 1.41 -9.98
N SER I 22 12.88 1.24 -11.21
CA SER I 22 12.40 -0.05 -11.70
C SER I 22 13.52 -1.07 -11.87
N VAL I 23 14.67 -0.64 -12.40
CA VAL I 23 15.87 -1.46 -12.56
C VAL I 23 16.40 -1.92 -11.20
N ALA I 24 16.50 -1.02 -10.22
CA ALA I 24 16.92 -1.34 -8.85
C ALA I 24 15.95 -2.31 -8.12
N ILE I 25 14.64 -2.10 -8.25
CA ILE I 25 13.64 -3.03 -7.69
C ILE I 25 13.73 -4.41 -8.35
N THR I 26 13.91 -4.46 -9.68
CA THR I 26 14.05 -5.72 -10.40
C THR I 26 15.28 -6.50 -9.94
N ALA I 27 16.42 -5.83 -9.75
CA ALA I 27 17.64 -6.47 -9.26
C ALA I 27 17.50 -7.06 -7.85
N LEU I 28 16.79 -6.37 -6.94
CA LEU I 28 16.44 -6.89 -5.62
C LEU I 28 15.52 -8.10 -5.70
N LEU I 29 14.49 -8.06 -6.54
CA LEU I 29 13.57 -9.19 -6.74
C LEU I 29 14.27 -10.42 -7.30
N VAL I 30 15.19 -10.26 -8.27
CA VAL I 30 15.98 -11.38 -8.80
C VAL I 30 16.92 -11.94 -7.73
N HIS I 31 17.59 -11.10 -6.95
CA HIS I 31 18.44 -11.58 -5.87
C HIS I 31 17.64 -12.35 -4.83
N LEU I 32 16.45 -11.83 -4.47
CA LEU I 32 15.61 -12.51 -3.49
C LEU I 32 15.12 -13.86 -4.01
N ALA I 33 14.74 -13.92 -5.28
CA ALA I 33 14.27 -15.13 -5.95
C ALA I 33 15.37 -16.21 -5.96
N VAL I 34 16.62 -15.83 -6.25
CA VAL I 34 17.73 -16.77 -6.24
C VAL I 34 18.06 -17.20 -4.81
N LEU I 35 17.95 -16.29 -3.84
CA LEU I 35 18.19 -16.66 -2.45
C LEU I 35 17.16 -17.64 -1.93
N THR I 36 15.89 -17.48 -2.33
CA THR I 36 14.83 -18.34 -1.83
C THR I 36 14.70 -19.66 -2.58
N HIS I 37 15.33 -19.82 -3.74
CA HIS I 37 15.15 -21.06 -4.49
C HIS I 37 16.45 -21.81 -4.76
N THR I 38 17.54 -21.49 -4.08
CA THR I 38 18.76 -22.27 -4.16
C THR I 38 19.25 -22.58 -2.74
N THR I 39 20.08 -23.62 -2.61
CA THR I 39 20.78 -23.93 -1.34
C THR I 39 22.18 -23.32 -1.30
N TRP I 40 22.81 -23.09 -2.47
CA TRP I 40 24.17 -22.56 -2.54
C TRP I 40 24.29 -21.07 -2.19
N PHE I 41 23.31 -20.21 -2.48
CA PHE I 41 23.37 -18.81 -2.06
C PHE I 41 23.16 -18.66 -0.53
N PRO I 42 22.20 -19.34 0.13
CA PRO I 42 22.17 -19.36 1.60
C PRO I 42 23.40 -19.99 2.22
N ALA I 43 23.99 -21.01 1.60
CA ALA I 43 25.21 -21.64 2.09
C ALA I 43 26.45 -20.73 1.97
N PHE I 44 26.50 -19.89 0.93
CA PHE I 44 27.51 -18.84 0.79
C PHE I 44 27.33 -17.75 1.84
N GLN I 45 26.08 -17.40 2.15
CA GLN I 45 25.82 -16.44 3.23
C GLN I 45 26.21 -17.01 4.58
N GLN I 46 25.98 -18.31 4.83
CA GLN I 46 26.29 -19.02 6.08
C GLN I 46 27.79 -19.23 6.31
N GLY I 47 28.53 -19.74 5.32
CA GLY I 47 29.94 -20.10 5.46
C GLY I 47 30.20 -21.28 6.41
N GLY I 48 31.41 -21.35 6.96
CA GLY I 48 31.81 -22.39 7.91
C GLY I 48 31.90 -23.79 7.30
N ALA J 1 10.37 19.27 -17.48
CA ALA J 1 9.34 19.34 -18.54
C ALA J 1 9.78 18.53 -19.77
N VAL J 2 8.88 18.24 -20.71
CA VAL J 2 9.21 17.59 -21.99
C VAL J 2 10.14 18.44 -22.85
N LEU J 3 10.98 17.78 -23.63
CA LEU J 3 12.10 18.40 -24.31
C LEU J 3 11.82 18.70 -25.78
N SER J 4 12.67 19.53 -26.40
CA SER J 4 12.72 19.66 -27.86
C SER J 4 13.19 18.34 -28.50
N PRO J 5 12.88 18.02 -29.77
CA PRO J 5 13.37 16.81 -30.42
C PRO J 5 14.90 16.64 -30.36
N GLU J 6 15.67 17.72 -30.50
CA GLU J 6 17.14 17.71 -30.44
C GLU J 6 17.65 17.46 -29.02
N GLN J 7 17.05 18.13 -28.03
CA GLN J 7 17.36 17.93 -26.61
C GLN J 7 17.01 16.52 -26.13
N SER J 8 15.96 15.92 -26.68
CA SER J 8 15.54 14.55 -26.38
C SER J 8 16.57 13.53 -26.85
N GLU J 9 17.06 13.70 -28.07
CA GLU J 9 18.12 12.85 -28.63
C GLU J 9 19.43 13.00 -27.86
N GLU J 10 19.81 14.22 -27.44
CA GLU J 10 20.97 14.44 -26.58
C GLU J 10 20.85 13.77 -25.20
N LEU J 11 19.69 13.85 -24.55
CA LEU J 11 19.44 13.13 -23.30
C LEU J 11 19.47 11.61 -23.48
N HIS J 12 18.87 11.09 -24.56
CA HIS J 12 18.78 9.64 -24.76
C HIS J 12 20.14 8.98 -24.98
N LYS J 13 21.15 9.71 -25.49
CA LYS J 13 22.53 9.19 -25.57
C LYS J 13 23.10 8.87 -24.20
N TYR J 14 22.83 9.67 -23.18
CA TYR J 14 23.24 9.37 -21.80
C TYR J 14 22.48 8.19 -21.21
N VAL J 15 21.19 8.04 -21.53
CA VAL J 15 20.38 6.89 -21.09
C VAL J 15 20.88 5.58 -21.72
N ILE J 16 21.22 5.61 -23.02
CA ILE J 16 21.74 4.45 -23.75
C ILE J 16 23.17 4.10 -23.33
N ASP J 17 24.04 5.06 -23.09
CA ASP J 17 25.38 4.83 -22.54
C ASP J 17 25.33 4.28 -21.11
N GLY J 18 24.40 4.76 -20.28
CA GLY J 18 24.15 4.22 -18.95
C GLY J 18 23.65 2.78 -18.97
N ALA J 19 22.73 2.44 -19.87
CA ALA J 19 22.26 1.07 -20.06
C ALA J 19 23.37 0.14 -20.61
N ARG J 20 24.23 0.62 -21.52
CA ARG J 20 25.39 -0.15 -22.02
C ARG J 20 26.45 -0.40 -20.94
N ALA J 21 26.69 0.55 -20.05
CA ALA J 21 27.56 0.41 -18.89
C ALA J 21 26.99 -0.59 -17.88
N PHE J 22 25.69 -0.53 -17.61
CA PHE J 22 25.01 -1.51 -16.78
C PHE J 22 25.08 -2.91 -17.39
N LEU J 23 24.82 -3.05 -18.70
CA LEU J 23 24.93 -4.33 -19.42
C LEU J 23 26.32 -4.93 -19.32
N GLY J 24 27.37 -4.12 -19.49
CA GLY J 24 28.73 -4.62 -19.39
C GLY J 24 29.06 -5.15 -18.01
N ILE J 25 28.70 -4.42 -16.96
CA ILE J 25 28.93 -4.87 -15.57
C ILE J 25 28.12 -6.15 -15.33
N ALA J 26 26.89 -6.25 -15.84
CA ALA J 26 26.07 -7.45 -15.68
C ALA J 26 26.66 -8.65 -16.43
N LEU J 27 27.23 -8.46 -17.62
CA LEU J 27 27.94 -9.50 -18.37
C LEU J 27 29.18 -10.00 -17.59
N VAL J 28 29.95 -9.14 -16.92
CA VAL J 28 31.06 -9.61 -16.04
C VAL J 28 30.53 -10.36 -14.82
N ALA J 29 29.46 -9.88 -14.18
CA ALA J 29 28.84 -10.56 -13.04
C ALA J 29 28.26 -11.93 -13.40
N HIS J 30 27.65 -12.09 -14.58
CA HIS J 30 27.19 -13.38 -15.07
C HIS J 30 28.33 -14.32 -15.42
N PHE J 31 29.42 -13.81 -15.97
CA PHE J 31 30.58 -14.68 -16.18
C PHE J 31 31.18 -15.14 -14.86
N LEU J 32 31.31 -14.25 -13.87
CA LEU J 32 31.79 -14.60 -12.53
C LEU J 32 30.87 -15.60 -11.84
N ALA J 33 29.55 -15.44 -11.98
CA ALA J 33 28.59 -16.41 -11.52
C ALA J 33 28.76 -17.76 -12.23
N PHE J 34 29.01 -17.80 -13.55
CA PHE J 34 29.26 -19.06 -14.23
C PHE J 34 30.51 -19.74 -13.70
N SER J 35 31.56 -18.97 -13.42
CA SER J 35 32.82 -19.53 -12.96
C SER J 35 32.83 -19.98 -11.49
N LEU J 36 32.13 -19.27 -10.60
CA LEU J 36 32.23 -19.49 -9.14
C LEU J 36 31.04 -20.25 -8.52
N THR J 37 29.98 -20.53 -9.28
CA THR J 37 28.68 -21.04 -8.80
C THR J 37 28.35 -22.39 -9.44
N PRO J 38 27.52 -23.27 -8.84
CA PRO J 38 27.03 -24.49 -9.52
C PRO J 38 26.03 -24.24 -10.67
N TRP J 39 25.69 -22.99 -11.00
CA TRP J 39 24.82 -22.63 -12.12
C TRP J 39 25.44 -23.01 -13.48
N LEU J 40 24.64 -23.63 -14.35
CA LEU J 40 25.05 -24.24 -15.63
C LEU J 40 26.15 -25.31 -15.46
N HIS J 41 26.36 -25.87 -14.27
CA HIS J 41 27.45 -26.81 -14.05
C HIS J 41 26.92 -28.17 -13.59
N ASN K 2 29.63 18.26 7.68
CA ASN K 2 30.05 19.05 6.50
C ASN K 2 29.00 19.09 5.36
N GLN K 3 27.82 18.50 5.57
CA GLN K 3 26.72 18.41 4.59
C GLN K 3 25.66 19.53 4.72
N GLY K 4 25.95 20.59 5.46
CA GLY K 4 25.00 21.62 5.89
C GLY K 4 24.39 22.49 4.78
N LYS K 5 24.92 22.45 3.56
CA LYS K 5 24.32 23.07 2.37
C LYS K 5 23.14 22.27 1.78
N ILE K 6 22.82 21.07 2.29
CA ILE K 6 21.74 20.24 1.74
C ILE K 6 20.35 20.89 1.81
N TRP K 7 20.10 21.78 2.78
CA TRP K 7 18.83 22.51 2.88
C TRP K 7 18.68 23.68 1.89
N THR K 8 19.70 23.94 1.06
CA THR K 8 19.58 24.79 -0.13
C THR K 8 18.97 24.03 -1.33
N VAL K 9 18.95 22.70 -1.28
CA VAL K 9 18.50 21.82 -2.38
C VAL K 9 17.26 21.01 -1.98
N VAL K 10 17.22 20.48 -0.77
CA VAL K 10 16.09 19.72 -0.23
C VAL K 10 15.26 20.63 0.67
N ASN K 11 13.94 20.62 0.51
CA ASN K 11 13.04 21.40 1.36
C ASN K 11 13.04 20.81 2.78
N PRO K 12 13.43 21.56 3.83
CA PRO K 12 13.49 20.99 5.17
C PRO K 12 12.12 20.64 5.75
N ALA K 13 11.03 21.25 5.26
CA ALA K 13 9.67 20.90 5.63
C ALA K 13 9.24 19.50 5.15
N VAL K 14 9.87 18.95 4.11
CA VAL K 14 9.69 17.56 3.66
C VAL K 14 10.77 16.65 4.24
N GLY K 15 12.03 17.07 4.14
CA GLY K 15 13.19 16.25 4.49
C GLY K 15 13.38 15.98 5.98
N LEU K 16 13.03 16.92 6.87
CA LEU K 16 13.19 16.73 8.31
C LEU K 16 12.13 15.76 8.91
N PRO K 17 10.82 15.83 8.54
CA PRO K 17 9.89 14.75 8.80
C PRO K 17 10.27 13.39 8.21
N LEU K 18 10.82 13.34 6.98
CA LEU K 18 11.31 12.09 6.37
C LEU K 18 12.48 11.48 7.15
N LEU K 19 13.43 12.30 7.63
CA LEU K 19 14.54 11.86 8.46
C LEU K 19 14.04 11.27 9.79
N LEU K 20 13.25 12.02 10.55
CA LEU K 20 12.75 11.58 11.86
C LEU K 20 11.84 10.35 11.75
N GLY K 21 10.96 10.31 10.73
CA GLY K 21 10.11 9.16 10.45
C GLY K 21 10.90 7.92 10.03
N SER K 22 11.96 8.07 9.22
CA SER K 22 12.82 6.94 8.83
C SER K 22 13.59 6.35 10.01
N VAL K 23 14.10 7.20 10.90
CA VAL K 23 14.79 6.78 12.14
C VAL K 23 13.84 6.01 13.06
N ALA K 24 12.62 6.52 13.27
CA ALA K 24 11.60 5.85 14.08
C ALA K 24 11.14 4.50 13.49
N ILE K 25 10.93 4.41 12.17
CA ILE K 25 10.61 3.15 11.49
C ILE K 25 11.76 2.15 11.62
N THR K 26 13.00 2.60 11.46
CA THR K 26 14.18 1.74 11.59
C THR K 26 14.30 1.16 13.00
N ALA K 27 14.07 1.96 14.04
CA ALA K 27 14.10 1.51 15.43
C ALA K 27 13.04 0.44 15.73
N LEU K 28 11.82 0.59 15.19
CA LEU K 28 10.77 -0.41 15.28
C LEU K 28 11.14 -1.71 14.56
N LEU K 29 11.70 -1.63 13.36
CA LEU K 29 12.16 -2.79 12.60
C LEU K 29 13.27 -3.55 13.31
N VAL K 30 14.25 -2.85 13.90
CA VAL K 30 15.31 -3.49 14.69
C VAL K 30 14.74 -4.16 15.94
N HIS K 31 13.82 -3.50 16.66
CA HIS K 31 13.20 -4.12 17.83
C HIS K 31 12.40 -5.36 17.44
N LEU K 32 11.67 -5.30 16.32
CA LEU K 32 10.90 -6.45 15.88
C LEU K 32 11.81 -7.62 15.48
N ALA K 33 12.91 -7.32 14.79
CA ALA K 33 13.90 -8.30 14.36
C ALA K 33 14.53 -9.01 15.56
N VAL K 34 14.88 -8.27 16.62
CA VAL K 34 15.43 -8.86 17.83
C VAL K 34 14.38 -9.68 18.57
N LEU K 35 13.13 -9.21 18.59
CA LEU K 35 12.06 -9.97 19.23
C LEU K 35 11.79 -11.29 18.51
N THR K 36 11.86 -11.30 17.19
CA THR K 36 11.55 -12.50 16.43
C THR K 36 12.71 -13.48 16.31
N HIS K 37 13.94 -13.07 16.62
CA HIS K 37 15.07 -13.97 16.45
C HIS K 37 15.85 -14.26 17.74
N THR K 38 15.30 -13.94 18.91
CA THR K 38 15.90 -14.34 20.17
C THR K 38 14.84 -14.99 21.04
N THR K 39 15.28 -15.79 22.02
CA THR K 39 14.39 -16.35 23.07
C THR K 39 14.37 -15.47 24.32
N TRP K 40 15.44 -14.72 24.59
CA TRP K 40 15.55 -13.88 25.79
C TRP K 40 14.67 -12.63 25.78
N PHE K 41 14.41 -11.98 24.63
CA PHE K 41 13.49 -10.84 24.59
C PHE K 41 12.02 -11.28 24.76
N PRO K 42 11.52 -12.35 24.12
CA PRO K 42 10.19 -12.89 24.47
C PRO K 42 10.10 -13.39 25.90
N ALA K 43 11.17 -13.95 26.46
CA ALA K 43 11.21 -14.41 27.85
C ALA K 43 11.18 -13.25 28.86
N PHE K 44 11.80 -12.11 28.52
CA PHE K 44 11.70 -10.87 29.29
C PHE K 44 10.29 -10.29 29.22
N GLN K 45 9.64 -10.38 28.05
CA GLN K 45 8.26 -9.94 27.95
C GLN K 45 7.32 -10.84 28.75
N GLN K 46 7.57 -12.17 28.78
CA GLN K 46 6.77 -13.16 29.50
C GLN K 46 6.92 -13.08 31.03
N GLY K 47 8.15 -13.04 31.56
CA GLY K 47 8.43 -13.07 33.00
C GLY K 47 8.07 -14.41 33.66
N GLY K 48 7.83 -14.38 34.97
CA GLY K 48 7.45 -15.56 35.75
C GLY K 48 8.56 -16.59 35.89
N ALA L 1 10.09 26.01 2.52
CA ALA L 1 10.84 26.19 1.25
C ALA L 1 12.34 25.99 1.47
N VAL L 2 13.13 25.85 0.41
CA VAL L 2 14.61 25.77 0.50
C VAL L 2 15.22 27.07 1.02
N LEU L 3 16.33 26.94 1.73
CA LEU L 3 16.90 28.00 2.55
C LEU L 3 18.07 28.72 1.84
N SER L 4 18.46 29.88 2.37
CA SER L 4 19.73 30.52 2.02
C SER L 4 20.91 29.65 2.51
N PRO L 5 22.12 29.74 1.93
CA PRO L 5 23.28 28.98 2.41
C PRO L 5 23.57 29.16 3.91
N GLU L 6 23.41 30.37 4.44
CA GLU L 6 23.63 30.68 5.86
C GLU L 6 22.53 30.09 6.76
N GLN L 7 21.27 30.21 6.35
CA GLN L 7 20.12 29.62 7.04
C GLN L 7 20.18 28.07 7.04
N SER L 8 20.72 27.48 5.98
CA SER L 8 20.91 26.03 5.87
C SER L 8 21.92 25.52 6.88
N GLU L 9 23.05 26.22 7.01
CA GLU L 9 24.08 25.89 7.99
C GLU L 9 23.57 26.06 9.43
N GLU L 10 22.78 27.10 9.71
CA GLU L 10 22.12 27.30 11.01
C GLU L 10 21.13 26.17 11.36
N LEU L 11 20.30 25.73 10.40
CA LEU L 11 19.39 24.60 10.59
C LEU L 11 20.17 23.29 10.79
N HIS L 12 21.23 23.04 10.03
CA HIS L 12 21.97 21.78 10.11
C HIS L 12 22.68 21.58 11.44
N LYS L 13 23.03 22.65 12.16
CA LYS L 13 23.56 22.54 13.53
C LYS L 13 22.56 21.90 14.50
N TYR L 14 21.27 22.22 14.37
CA TYR L 14 20.22 21.57 15.17
C TYR L 14 20.01 20.10 14.76
N VAL L 15 20.13 19.78 13.48
CA VAL L 15 20.03 18.39 12.99
C VAL L 15 21.21 17.54 13.50
N ILE L 16 22.42 18.09 13.48
CA ILE L 16 23.63 17.42 13.96
C ILE L 16 23.66 17.28 15.49
N ASP L 17 23.21 18.29 16.24
CA ASP L 17 23.06 18.20 17.69
C ASP L 17 21.98 17.20 18.10
N GLY L 18 20.87 17.12 17.35
CA GLY L 18 19.83 16.11 17.54
C GLY L 18 20.32 14.68 17.27
N ALA L 19 21.10 14.48 16.20
CA ALA L 19 21.73 13.19 15.93
C ALA L 19 22.79 12.80 16.97
N ARG L 20 23.59 13.75 17.48
CA ARG L 20 24.55 13.51 18.59
C ARG L 20 23.86 13.15 19.90
N ALA L 21 22.73 13.76 20.22
CA ALA L 21 21.90 13.44 21.38
C ALA L 21 21.28 12.03 21.25
N PHE L 22 20.77 11.70 20.07
CA PHE L 22 20.28 10.35 19.77
C PHE L 22 21.39 9.31 19.88
N LEU L 23 22.59 9.58 19.33
CA LEU L 23 23.75 8.70 19.42
C LEU L 23 24.14 8.45 20.88
N GLY L 24 24.18 9.49 21.71
CA GLY L 24 24.54 9.32 23.11
C GLY L 24 23.56 8.43 23.88
N ILE L 25 22.26 8.65 23.68
CA ILE L 25 21.23 7.82 24.32
C ILE L 25 21.36 6.37 23.82
N ALA L 26 21.64 6.18 22.52
CA ALA L 26 21.81 4.84 21.96
C ALA L 26 23.06 4.15 22.50
N LEU L 27 24.17 4.87 22.70
CA LEU L 27 25.38 4.34 23.35
C LEU L 27 25.10 3.91 24.80
N VAL L 28 24.30 4.64 25.59
CA VAL L 28 23.90 4.18 26.94
C VAL L 28 22.99 2.94 26.87
N ALA L 29 22.03 2.91 25.94
CA ALA L 29 21.15 1.75 25.74
C ALA L 29 21.92 0.50 25.31
N HIS L 30 22.94 0.62 24.45
CA HIS L 30 23.79 -0.50 24.06
C HIS L 30 24.68 -0.96 25.21
N PHE L 31 25.18 -0.05 26.03
CA PHE L 31 25.92 -0.48 27.21
C PHE L 31 25.02 -1.22 28.19
N LEU L 32 23.80 -0.73 28.44
CA LEU L 32 22.82 -1.40 29.30
C LEU L 32 22.43 -2.77 28.74
N ALA L 33 22.25 -2.88 27.43
CA ALA L 33 22.04 -4.15 26.78
C ALA L 33 23.25 -5.09 26.95
N PHE L 34 24.49 -4.60 26.86
CA PHE L 34 25.65 -5.46 27.11
C PHE L 34 25.66 -5.95 28.55
N SER L 35 25.29 -5.11 29.50
CA SER L 35 25.34 -5.48 30.91
C SER L 35 24.19 -6.39 31.36
N LEU L 36 22.98 -6.24 30.82
CA LEU L 36 21.77 -6.91 31.32
C LEU L 36 21.28 -8.10 30.46
N THR L 37 21.88 -8.33 29.30
CA THR L 37 21.41 -9.28 28.26
C THR L 37 22.46 -10.36 27.98
N PRO L 38 22.12 -11.55 27.47
CA PRO L 38 23.12 -12.54 27.02
C PRO L 38 23.87 -12.15 25.72
N TRP L 39 23.62 -10.99 25.13
CA TRP L 39 24.33 -10.48 23.94
C TRP L 39 25.82 -10.20 24.25
N LEU L 40 26.70 -10.65 23.35
CA LEU L 40 28.16 -10.66 23.51
C LEU L 40 28.64 -11.43 24.76
N HIS L 41 27.83 -12.31 25.35
CA HIS L 41 28.19 -12.98 26.58
C HIS L 41 28.21 -14.49 26.41
N ASN M 2 -8.69 20.95 27.52
CA ASN M 2 -7.86 22.16 27.51
C ASN M 2 -7.04 22.35 26.20
N GLN M 3 -7.23 21.48 25.21
CA GLN M 3 -6.50 21.47 23.92
C GLN M 3 -7.25 22.18 22.78
N GLY M 4 -8.28 22.97 23.10
CA GLY M 4 -9.24 23.52 22.14
C GLY M 4 -8.71 24.55 21.15
N LYS M 5 -7.48 25.06 21.35
CA LYS M 5 -6.77 25.90 20.37
C LYS M 5 -6.14 25.11 19.21
N ILE M 6 -6.19 23.77 19.21
CA ILE M 6 -5.55 22.95 18.17
C ILE M 6 -6.13 23.19 16.75
N TRP M 7 -7.40 23.60 16.64
CA TRP M 7 -8.01 23.93 15.34
C TRP M 7 -7.61 25.30 14.77
N THR M 8 -6.78 26.07 15.49
CA THR M 8 -6.06 27.23 14.93
C THR M 8 -4.79 26.82 14.16
N VAL M 9 -4.31 25.58 14.36
CA VAL M 9 -3.05 25.05 13.78
C VAL M 9 -3.32 23.89 12.81
N VAL M 10 -4.23 22.98 13.17
CA VAL M 10 -4.61 21.83 12.34
C VAL M 10 -5.93 22.16 11.64
N ASN M 11 -6.02 21.88 10.34
CA ASN M 11 -7.26 22.09 9.58
C ASN M 11 -8.30 21.06 10.03
N PRO M 12 -9.48 21.46 10.57
CA PRO M 12 -10.46 20.49 11.06
C PRO M 12 -11.08 19.65 9.95
N ALA M 13 -11.07 20.12 8.70
CA ALA M 13 -11.52 19.35 7.53
C ALA M 13 -10.61 18.14 7.21
N VAL M 14 -9.35 18.16 7.64
CA VAL M 14 -8.43 17.01 7.55
C VAL M 14 -8.40 16.25 8.87
N GLY M 15 -8.23 16.96 9.98
CA GLY M 15 -8.02 16.36 11.30
C GLY M 15 -9.23 15.64 11.91
N LEU M 16 -10.46 16.09 11.66
CA LEU M 16 -11.66 15.45 12.22
C LEU M 16 -12.01 14.12 11.50
N PRO M 17 -11.94 14.00 10.16
CA PRO M 17 -11.92 12.71 9.48
C PRO M 17 -10.77 11.77 9.90
N LEU M 18 -9.56 12.29 10.12
CA LEU M 18 -8.43 11.49 10.61
C LEU M 18 -8.68 10.94 12.02
N LEU M 19 -9.25 11.74 12.93
CA LEU M 19 -9.64 11.30 14.28
C LEU M 19 -10.69 10.20 14.23
N LEU M 20 -11.81 10.42 13.55
CA LEU M 20 -12.90 9.46 13.49
C LEU M 20 -12.49 8.16 12.76
N GLY M 21 -11.72 8.27 11.67
CA GLY M 21 -11.16 7.13 10.96
C GLY M 21 -10.15 6.33 11.79
N SER M 22 -9.30 6.99 12.57
CA SER M 22 -8.34 6.32 13.46
C SER M 22 -9.02 5.55 14.58
N VAL M 23 -10.07 6.13 15.18
CA VAL M 23 -10.89 5.48 16.21
C VAL M 23 -11.60 4.24 15.65
N ALA M 24 -12.22 4.34 14.48
CA ALA M 24 -12.86 3.20 13.80
C ALA M 24 -11.88 2.08 13.43
N ILE M 25 -10.70 2.41 12.89
CA ILE M 25 -9.64 1.42 12.60
C ILE M 25 -9.16 0.74 13.88
N THR M 26 -8.96 1.50 14.95
CA THR M 26 -8.54 0.96 16.25
C THR M 26 -9.55 -0.03 16.81
N ALA M 27 -10.85 0.28 16.73
CA ALA M 27 -11.90 -0.61 17.20
C ALA M 27 -11.96 -1.93 16.41
N LEU M 28 -11.75 -1.90 15.09
CA LEU M 28 -11.63 -3.09 14.26
C LEU M 28 -10.40 -3.93 14.62
N LEU M 29 -9.24 -3.30 14.84
CA LEU M 29 -8.03 -3.99 15.24
C LEU M 29 -8.16 -4.65 16.60
N VAL M 30 -8.79 -4.00 17.59
CA VAL M 30 -9.06 -4.61 18.90
C VAL M 30 -10.02 -5.79 18.77
N HIS M 31 -11.11 -5.66 17.99
CA HIS M 31 -12.03 -6.77 17.79
C HIS M 31 -11.33 -7.95 17.12
N LEU M 32 -10.49 -7.68 16.12
CA LEU M 32 -9.77 -8.75 15.44
C LEU M 32 -8.79 -9.45 16.37
N ALA M 33 -8.08 -8.68 17.20
CA ALA M 33 -7.13 -9.19 18.18
C ALA M 33 -7.81 -10.10 19.20
N VAL M 34 -9.00 -9.72 19.70
CA VAL M 34 -9.75 -10.55 20.63
C VAL M 34 -10.29 -11.79 19.93
N LEU M 35 -10.72 -11.67 18.67
CA LEU M 35 -11.20 -12.83 17.93
C LEU M 35 -10.08 -13.84 17.68
N THR M 36 -8.86 -13.38 17.42
CA THR M 36 -7.77 -14.27 17.09
C THR M 36 -7.06 -14.84 18.32
N HIS M 37 -7.28 -14.29 19.52
CA HIS M 37 -6.57 -14.80 20.69
C HIS M 37 -7.47 -15.31 21.81
N THR M 38 -8.74 -15.56 21.54
CA THR M 38 -9.62 -16.22 22.49
C THR M 38 -10.35 -17.37 21.80
N THR M 39 -10.83 -18.33 22.59
CA THR M 39 -11.72 -19.41 22.10
C THR M 39 -13.19 -19.06 22.27
N TRP M 40 -13.55 -18.21 23.24
CA TRP M 40 -14.93 -17.84 23.54
C TRP M 40 -15.57 -16.91 22.51
N PHE M 41 -14.84 -15.99 21.88
CA PHE M 41 -15.43 -15.15 20.81
C PHE M 41 -15.67 -15.95 19.51
N PRO M 42 -14.77 -16.83 19.04
CA PRO M 42 -15.12 -17.74 17.94
C PRO M 42 -16.22 -18.72 18.29
N ALA M 43 -16.30 -19.18 19.55
CA ALA M 43 -17.37 -20.06 19.99
C ALA M 43 -18.74 -19.37 20.06
N PHE M 44 -18.76 -18.07 20.39
CA PHE M 44 -19.97 -17.24 20.32
C PHE M 44 -20.39 -17.02 18.86
N GLN M 45 -19.42 -16.85 17.96
CA GLN M 45 -19.75 -16.75 16.54
C GLN M 45 -20.30 -18.06 15.99
N GLN M 46 -19.75 -19.21 16.43
CA GLN M 46 -20.16 -20.55 16.01
C GLN M 46 -21.55 -20.98 16.54
N GLY M 47 -21.80 -20.83 17.84
CA GLY M 47 -23.04 -21.29 18.48
C GLY M 47 -23.19 -22.82 18.52
N GLY M 48 -24.42 -23.32 18.61
CA GLY M 48 -24.73 -24.75 18.63
C GLY M 48 -24.24 -25.47 19.88
N ALA N 1 -10.65 25.17 6.38
CA ALA N 1 -9.45 25.95 6.75
C ALA N 1 -9.30 26.05 8.26
N VAL N 2 -8.14 26.47 8.77
CA VAL N 2 -7.92 26.71 10.21
C VAL N 2 -8.79 27.86 10.74
N LEU N 3 -9.18 27.76 12.00
CA LEU N 3 -10.22 28.57 12.60
C LEU N 3 -9.66 29.75 13.41
N SER N 4 -10.51 30.70 13.75
CA SER N 4 -10.23 31.71 14.78
C SER N 4 -10.10 31.03 16.17
N PRO N 5 -9.39 31.59 17.16
CA PRO N 5 -9.33 31.02 18.50
C PRO N 5 -10.69 30.72 19.14
N GLU N 6 -11.68 31.60 18.95
CA GLU N 6 -13.04 31.44 19.47
C GLU N 6 -13.81 30.32 18.75
N GLN N 7 -13.72 30.28 17.41
CA GLN N 7 -14.31 29.23 16.58
C GLN N 7 -13.71 27.85 16.87
N SER N 8 -12.41 27.81 17.20
CA SER N 8 -11.71 26.57 17.56
C SER N 8 -12.23 25.99 18.87
N GLU N 9 -12.41 26.85 19.88
CA GLU N 9 -12.98 26.44 21.16
C GLU N 9 -14.45 25.98 21.02
N GLU N 10 -15.25 26.65 20.19
CA GLU N 10 -16.62 26.21 19.87
C GLU N 10 -16.66 24.84 19.17
N LEU N 11 -15.78 24.58 18.20
CA LEU N 11 -15.67 23.27 17.56
C LEU N 11 -15.20 22.19 18.55
N HIS N 12 -14.22 22.49 19.40
CA HIS N 12 -13.66 21.49 20.30
C HIS N 12 -14.66 21.01 21.36
N LYS N 13 -15.66 21.81 21.73
CA LYS N 13 -16.76 21.36 22.60
C LYS N 13 -17.55 20.21 21.99
N TYR N 14 -17.80 20.23 20.68
CA TYR N 14 -18.46 19.11 19.97
C TYR N 14 -17.56 17.88 19.89
N VAL N 15 -16.24 18.06 19.71
CA VAL N 15 -15.27 16.96 19.72
C VAL N 15 -15.19 16.28 21.09
N ILE N 16 -15.16 17.07 22.17
CA ILE N 16 -15.12 16.58 23.55
C ILE N 16 -16.44 15.93 23.98
N ASP N 17 -17.59 16.48 23.59
CA ASP N 17 -18.89 15.86 23.84
C ASP N 17 -19.05 14.54 23.06
N GLY N 18 -18.56 14.48 21.82
CA GLY N 18 -18.51 13.25 21.03
C GLY N 18 -17.62 12.17 21.65
N ALA N 19 -16.44 12.54 22.14
CA ALA N 19 -15.56 11.61 22.85
C ALA N 19 -16.16 11.14 24.21
N ARG N 20 -16.85 12.01 24.95
CA ARG N 20 -17.58 11.63 26.18
C ARG N 20 -18.76 10.68 25.92
N ALA N 21 -19.48 10.86 24.83
CA ALA N 21 -20.55 9.97 24.39
C ALA N 21 -19.99 8.60 23.98
N PHE N 22 -18.89 8.58 23.24
CA PHE N 22 -18.18 7.36 22.89
C PHE N 22 -17.67 6.63 24.14
N LEU N 23 -17.07 7.35 25.09
CA LEU N 23 -16.59 6.80 26.36
C LEU N 23 -17.72 6.15 27.16
N GLY N 24 -18.88 6.81 27.25
CA GLY N 24 -20.01 6.25 27.98
C GLY N 24 -20.52 4.96 27.36
N ILE N 25 -20.67 4.92 26.04
CA ILE N 25 -21.11 3.69 25.35
C ILE N 25 -20.06 2.59 25.56
N ALA N 26 -18.76 2.93 25.52
CA ALA N 26 -17.71 1.95 25.74
C ALA N 26 -17.69 1.43 27.18
N LEU N 27 -17.96 2.27 28.18
CA LEU N 27 -18.12 1.86 29.58
C LEU N 27 -19.30 0.90 29.76
N VAL N 28 -20.44 1.09 29.08
CA VAL N 28 -21.55 0.11 29.11
C VAL N 28 -21.16 -1.20 28.41
N ALA N 29 -20.50 -1.13 27.26
CA ALA N 29 -20.02 -2.32 26.55
C ALA N 29 -18.99 -3.14 27.35
N HIS N 30 -18.08 -2.48 28.08
CA HIS N 30 -17.13 -3.16 28.97
C HIS N 30 -17.82 -3.77 30.18
N PHE N 31 -18.83 -3.10 30.74
CA PHE N 31 -19.58 -3.74 31.82
C PHE N 31 -20.35 -4.97 31.31
N LEU N 32 -20.99 -4.89 30.14
CA LEU N 32 -21.68 -6.03 29.53
C LEU N 32 -20.71 -7.16 29.20
N ALA N 33 -19.52 -6.85 28.71
CA ALA N 33 -18.47 -7.84 28.53
C ALA N 33 -18.04 -8.45 29.87
N PHE N 34 -17.92 -7.69 30.97
CA PHE N 34 -17.60 -8.28 32.26
C PHE N 34 -18.69 -9.24 32.72
N SER N 35 -19.95 -8.89 32.49
CA SER N 35 -21.07 -9.70 32.95
C SER N 35 -21.32 -10.95 32.10
N LEU N 36 -21.12 -10.91 30.78
CA LEU N 36 -21.52 -11.98 29.86
C LEU N 36 -20.37 -12.88 29.36
N THR N 37 -19.11 -12.54 29.66
CA THR N 37 -17.89 -13.14 29.08
C THR N 37 -17.03 -13.78 30.18
N PRO N 38 -16.17 -14.77 29.90
CA PRO N 38 -15.18 -15.27 30.88
C PRO N 38 -14.03 -14.29 31.21
N TRP N 39 -14.00 -13.08 30.63
CA TRP N 39 -13.01 -12.05 30.94
C TRP N 39 -13.11 -11.55 32.39
N LEU N 40 -11.97 -11.43 33.06
CA LEU N 40 -11.84 -11.16 34.51
C LEU N 40 -12.58 -12.18 35.40
N HIS N 41 -12.91 -13.37 34.91
CA HIS N 41 -13.70 -14.33 35.68
C HIS N 41 -12.94 -15.63 35.88
N ASN O 2 14.00 22.16 24.13
CA ASN O 2 14.86 23.15 23.46
C ASN O 2 14.72 23.17 21.92
N GLN O 3 13.81 22.35 21.36
CA GLN O 3 13.59 22.18 19.91
C GLN O 3 12.44 23.06 19.36
N GLY O 4 11.98 24.05 20.13
CA GLY O 4 10.76 24.82 19.86
C GLY O 4 10.75 25.70 18.62
N LYS O 5 11.91 25.93 17.98
CA LYS O 5 12.01 26.59 16.66
C LYS O 5 11.63 25.67 15.49
N ILE O 6 11.36 24.39 15.69
CA ILE O 6 11.05 23.44 14.60
C ILE O 6 9.79 23.81 13.79
N TRP O 7 8.82 24.49 14.40
CA TRP O 7 7.61 24.97 13.70
C TRP O 7 7.82 26.21 12.83
N THR O 8 9.04 26.76 12.79
CA THR O 8 9.47 27.74 11.76
C THR O 8 9.89 27.05 10.46
N VAL O 9 10.16 25.74 10.48
CA VAL O 9 10.67 24.94 9.36
C VAL O 9 9.66 23.88 8.91
N VAL O 10 9.01 23.20 9.85
CA VAL O 10 8.00 22.16 9.58
C VAL O 10 6.62 22.78 9.77
N ASN O 11 5.70 22.55 8.84
CA ASN O 11 4.33 23.03 8.94
C ASN O 11 3.61 22.26 10.07
N PRO O 12 3.12 22.91 11.13
CA PRO O 12 2.49 22.20 12.24
C PRO O 12 1.17 21.51 11.86
N ALA O 13 0.50 21.98 10.80
CA ALA O 13 -0.70 21.33 10.25
C ALA O 13 -0.43 19.96 9.61
N VAL O 14 0.81 19.70 9.19
CA VAL O 14 1.25 18.36 8.73
C VAL O 14 1.94 17.60 9.86
N GLY O 15 2.88 18.25 10.54
CA GLY O 15 3.75 17.62 11.53
C GLY O 15 3.06 17.19 12.84
N LEU O 16 2.05 17.91 13.32
CA LEU O 16 1.35 17.56 14.56
C LEU O 16 0.40 16.34 14.38
N PRO O 17 -0.40 16.22 13.29
CA PRO O 17 -1.03 14.96 12.93
C PRO O 17 -0.07 13.79 12.70
N LEU O 18 1.10 14.00 12.07
CA LEU O 18 2.12 12.96 11.91
C LEU O 18 2.69 12.49 13.24
N LEU O 19 2.96 13.39 14.18
CA LEU O 19 3.41 13.05 15.54
C LEU O 19 2.37 12.20 16.28
N LEU O 20 1.13 12.70 16.39
CA LEU O 20 0.07 11.99 17.11
C LEU O 20 -0.29 10.64 16.48
N GLY O 21 -0.34 10.58 15.14
CA GLY O 21 -0.56 9.34 14.40
C GLY O 21 0.58 8.34 14.55
N SER O 22 1.83 8.77 14.57
CA SER O 22 3.00 7.90 14.79
C SER O 22 3.01 7.31 16.20
N VAL O 23 2.68 8.10 17.22
CA VAL O 23 2.57 7.65 18.61
C VAL O 23 1.45 6.61 18.76
N ALA O 24 0.27 6.85 18.19
CA ALA O 24 -0.84 5.89 18.19
C ALA O 24 -0.52 4.58 17.46
N ILE O 25 0.12 4.63 16.28
CA ILE O 25 0.57 3.43 15.55
C ILE O 25 1.60 2.65 16.37
N THR O 26 2.55 3.35 17.00
CA THR O 26 3.58 2.70 17.84
C THR O 26 2.96 1.98 19.03
N ALA O 27 1.97 2.58 19.70
CA ALA O 27 1.28 1.95 20.82
C ALA O 27 0.51 0.68 20.41
N LEU O 28 -0.13 0.67 19.23
CA LEU O 28 -0.76 -0.52 18.66
C LEU O 28 0.25 -1.61 18.33
N LEU O 29 1.38 -1.26 17.73
CA LEU O 29 2.45 -2.22 17.41
C LEU O 29 3.06 -2.84 18.67
N VAL O 30 3.29 -2.06 19.73
CA VAL O 30 3.78 -2.60 21.00
C VAL O 30 2.74 -3.53 21.64
N HIS O 31 1.47 -3.15 21.65
CA HIS O 31 0.42 -4.02 22.19
C HIS O 31 0.33 -5.33 21.41
N LEU O 32 0.42 -5.25 20.07
CA LEU O 32 0.36 -6.46 19.25
C LEU O 32 1.56 -7.36 19.50
N ALA O 33 2.75 -6.78 19.63
CA ALA O 33 3.98 -7.50 19.90
C ALA O 33 3.93 -8.24 21.24
N VAL O 34 3.38 -7.60 22.28
CA VAL O 34 3.22 -8.24 23.59
C VAL O 34 2.15 -9.33 23.53
N LEU O 35 1.07 -9.10 22.77
CA LEU O 35 0.05 -10.12 22.63
C LEU O 35 0.58 -11.36 21.91
N THR O 36 1.42 -11.18 20.90
CA THR O 36 1.91 -12.30 20.12
C THR O 36 3.10 -13.02 20.73
N HIS O 37 3.76 -12.45 21.74
CA HIS O 37 4.93 -13.09 22.31
C HIS O 37 4.83 -13.40 23.80
N THR O 38 3.64 -13.35 24.38
CA THR O 38 3.43 -13.80 25.75
C THR O 38 2.24 -14.75 25.79
N THR O 39 2.17 -15.58 26.84
CA THR O 39 0.99 -16.43 27.12
C THR O 39 0.03 -15.76 28.09
N TRP O 40 0.52 -14.85 28.96
CA TRP O 40 -0.31 -14.18 29.97
C TRP O 40 -1.26 -13.12 29.42
N PHE O 41 -0.92 -12.38 28.35
CA PHE O 41 -1.86 -11.43 27.75
C PHE O 41 -3.00 -12.15 26.98
N PRO O 42 -2.75 -13.21 26.18
CA PRO O 42 -3.86 -14.01 25.64
C PRO O 42 -4.67 -14.72 26.72
N ALA O 43 -4.05 -15.15 27.82
CA ALA O 43 -4.75 -15.77 28.93
C ALA O 43 -5.65 -14.79 29.71
N PHE O 44 -5.22 -13.52 29.81
CA PHE O 44 -6.04 -12.44 30.35
C PHE O 44 -7.22 -12.12 29.43
N GLN O 45 -7.00 -12.16 28.11
CA GLN O 45 -8.10 -11.98 27.17
C GLN O 45 -9.09 -13.13 27.24
N GLN O 46 -8.61 -14.38 27.43
CA GLN O 46 -9.44 -15.59 27.51
C GLN O 46 -10.25 -15.70 28.81
N GLY O 47 -9.63 -15.50 29.98
CA GLY O 47 -10.27 -15.67 31.29
C GLY O 47 -10.64 -17.13 31.60
N GLY O 48 -11.61 -17.34 32.49
CA GLY O 48 -12.11 -18.66 32.87
C GLY O 48 -11.10 -19.48 33.68
N ALA P 1 0.32 26.82 8.03
CA ALA P 1 1.61 27.31 7.50
C ALA P 1 2.67 27.36 8.59
N VAL P 2 3.95 27.50 8.24
CA VAL P 2 5.04 27.69 9.22
C VAL P 2 4.91 29.00 9.99
N LEU P 3 5.37 28.98 11.24
CA LEU P 3 5.08 30.01 12.22
C LEU P 3 6.23 31.02 12.38
N SER P 4 5.95 32.14 13.03
CA SER P 4 6.98 33.05 13.53
C SER P 4 7.80 32.35 14.64
N PRO P 5 9.06 32.73 14.93
CA PRO P 5 9.83 32.15 16.03
C PRO P 5 9.13 32.17 17.39
N GLU P 6 8.40 33.25 17.70
CA GLU P 6 7.65 33.40 18.95
C GLU P 6 6.41 32.50 18.99
N GLN P 7 5.65 32.44 17.90
CA GLN P 7 4.49 31.55 17.73
C GLN P 7 4.89 30.07 17.78
N SER P 8 6.07 29.73 17.28
CA SER P 8 6.62 28.36 17.31
C SER P 8 6.90 27.92 18.74
N GLU P 9 7.54 28.79 19.52
CA GLU P 9 7.81 28.52 20.93
C GLU P 9 6.51 28.40 21.75
N GLU P 10 5.51 29.24 21.49
CA GLU P 10 4.19 29.12 22.11
C GLU P 10 3.47 27.80 21.78
N LEU P 11 3.51 27.36 20.52
CA LEU P 11 2.96 26.06 20.12
C LEU P 11 3.72 24.89 20.76
N HIS P 12 5.06 24.96 20.81
CA HIS P 12 5.86 23.85 21.33
C HIS P 12 5.65 23.60 22.83
N LYS P 13 5.25 24.62 23.61
CA LYS P 13 4.86 24.42 25.02
C LYS P 13 3.67 23.48 25.16
N TYR P 14 2.67 23.56 24.27
CA TYR P 14 1.55 22.63 24.25
C TYR P 14 1.96 21.22 23.81
N VAL P 15 2.89 21.10 22.87
CA VAL P 15 3.44 19.80 22.44
C VAL P 15 4.22 19.13 23.57
N ILE P 16 5.04 19.88 24.30
CA ILE P 16 5.83 19.39 25.43
C ILE P 16 4.97 19.05 26.65
N ASP P 17 3.95 19.85 26.96
CA ASP P 17 2.98 19.53 28.01
C ASP P 17 2.14 18.30 27.67
N GLY P 18 1.75 18.13 26.41
CA GLY P 18 1.08 16.92 25.92
C GLY P 18 1.94 15.67 26.02
N ALA P 19 3.22 15.75 25.66
CA ALA P 19 4.16 14.65 25.82
C ALA P 19 4.45 14.32 27.30
N ARG P 20 4.53 15.32 28.20
CA ARG P 20 4.65 15.11 29.66
C ARG P 20 3.42 14.46 30.28
N ALA P 21 2.23 14.80 29.83
CA ALA P 21 0.97 14.17 30.24
C ALA P 21 0.89 12.72 29.76
N PHE P 22 1.29 12.46 28.51
CA PHE P 22 1.39 11.10 27.98
C PHE P 22 2.42 10.27 28.77
N LEU P 23 3.60 10.83 29.06
CA LEU P 23 4.64 10.18 29.86
C LEU P 23 4.14 9.80 31.25
N GLY P 24 3.43 10.71 31.92
CA GLY P 24 2.90 10.42 33.25
C GLY P 24 1.90 9.27 33.25
N ILE P 25 0.96 9.28 32.30
CA ILE P 25 -0.01 8.19 32.18
C ILE P 25 0.71 6.88 31.87
N ALA P 26 1.74 6.91 31.02
CA ALA P 26 2.52 5.71 30.69
C ALA P 26 3.32 5.20 31.88
N LEU P 27 3.88 6.07 32.73
CA LEU P 27 4.54 5.70 33.99
C LEU P 27 3.56 5.03 34.96
N VAL P 28 2.30 5.48 35.08
CA VAL P 28 1.29 4.78 35.91
C VAL P 28 0.93 3.42 35.29
N ALA P 29 0.74 3.34 33.98
CA ALA P 29 0.45 2.08 33.29
C ALA P 29 1.60 1.04 33.42
N HIS P 30 2.86 1.48 33.36
CA HIS P 30 4.01 0.60 33.60
C HIS P 30 4.11 0.15 35.04
N PHE P 31 3.79 1.03 36.00
CA PHE P 31 3.75 0.57 37.39
C PHE P 31 2.64 -0.44 37.61
N LEU P 32 1.45 -0.22 37.05
CA LEU P 32 0.32 -1.18 37.14
C LEU P 32 0.66 -2.49 36.46
N ALA P 33 1.35 -2.46 35.32
CA ALA P 33 1.86 -3.65 34.67
C ALA P 33 2.89 -4.36 35.57
N PHE P 34 3.80 -3.65 36.25
CA PHE P 34 4.73 -4.31 37.17
C PHE P 34 4.00 -4.98 38.31
N SER P 35 2.95 -4.35 38.84
CA SER P 35 2.23 -4.90 39.98
C SER P 35 1.29 -6.06 39.63
N LEU P 36 0.64 -6.05 38.46
CA LEU P 36 -0.44 -7.00 38.11
C LEU P 36 -0.02 -8.14 37.15
N THR P 37 1.19 -8.09 36.59
CA THR P 37 1.67 -8.95 35.49
C THR P 37 2.89 -9.78 35.92
N PRO P 38 3.20 -10.94 35.32
CA PRO P 38 4.46 -11.65 35.57
C PRO P 38 5.73 -10.96 35.01
N TRP P 39 5.62 -9.79 34.38
CA TRP P 39 6.76 -9.01 33.89
C TRP P 39 7.66 -8.51 35.02
N LEU P 40 8.98 -8.65 34.86
CA LEU P 40 10.01 -8.43 35.89
C LEU P 40 9.81 -9.25 37.17
N HIS P 41 9.03 -10.34 37.14
CA HIS P 41 8.72 -11.10 38.35
C HIS P 41 9.19 -12.53 38.22
N ASN Q 2 -27.91 15.01 16.30
CA ASN Q 2 -27.54 16.35 16.79
C ASN Q 2 -26.17 16.86 16.27
N GLN Q 3 -25.51 16.10 15.38
CA GLN Q 3 -24.19 16.39 14.81
C GLN Q 3 -24.24 17.11 13.44
N GLY Q 4 -25.40 17.65 13.06
CA GLY Q 4 -25.70 18.14 11.70
C GLY Q 4 -24.92 19.38 11.25
N LYS Q 5 -24.22 20.07 12.15
CA LYS Q 5 -23.27 21.15 11.81
C LYS Q 5 -21.91 20.64 11.29
N ILE Q 6 -21.65 19.34 11.27
CA ILE Q 6 -20.35 18.80 10.83
C ILE Q 6 -20.00 19.12 9.37
N TRP Q 7 -21.00 19.30 8.50
CA TRP Q 7 -20.78 19.67 7.09
C TRP Q 7 -20.43 21.17 6.88
N THR Q 8 -20.40 21.97 7.96
CA THR Q 8 -19.77 23.30 7.96
C THR Q 8 -18.24 23.23 8.13
N VAL Q 9 -17.71 22.10 8.58
CA VAL Q 9 -16.28 21.89 8.89
C VAL Q 9 -15.65 20.85 7.97
N VAL Q 10 -16.34 19.74 7.70
CA VAL Q 10 -15.89 18.66 6.81
C VAL Q 10 -16.56 18.84 5.45
N ASN Q 11 -15.79 18.73 4.38
CA ASN Q 11 -16.33 18.81 3.02
C ASN Q 11 -17.17 17.55 2.74
N PRO Q 12 -18.48 17.66 2.44
CA PRO Q 12 -19.31 16.47 2.23
C PRO Q 12 -18.92 15.68 0.98
N ALA Q 13 -18.28 16.31 -0.01
CA ALA Q 13 -17.75 15.64 -1.20
C ALA Q 13 -16.59 14.67 -0.89
N VAL Q 14 -15.88 14.87 0.22
CA VAL Q 14 -14.87 13.92 0.71
C VAL Q 14 -15.45 13.01 1.79
N GLY Q 15 -16.16 13.58 2.75
CA GLY Q 15 -16.65 12.85 3.93
C GLY Q 15 -17.77 11.86 3.67
N LEU Q 16 -18.68 12.11 2.72
CA LEU Q 16 -19.78 11.19 2.43
C LEU Q 16 -19.32 9.93 1.66
N PRO Q 17 -18.43 10.01 0.64
CA PRO Q 17 -17.72 8.84 0.12
C PRO Q 17 -16.89 8.08 1.16
N LEU Q 18 -16.19 8.77 2.08
CA LEU Q 18 -15.44 8.13 3.17
C LEU Q 18 -16.35 7.35 4.12
N LEU Q 19 -17.51 7.90 4.48
CA LEU Q 19 -18.52 7.24 5.31
C LEU Q 19 -19.04 5.97 4.63
N LEU Q 20 -19.55 6.08 3.41
CA LEU Q 20 -20.13 4.94 2.69
C LEU Q 20 -19.09 3.86 2.39
N GLY Q 21 -17.87 4.26 2.00
CA GLY Q 21 -16.75 3.34 1.78
C GLY Q 21 -16.29 2.64 3.06
N SER Q 22 -16.26 3.33 4.20
CA SER Q 22 -15.90 2.72 5.50
C SER Q 22 -16.93 1.70 5.96
N VAL Q 23 -18.21 1.99 5.79
CA VAL Q 23 -19.32 1.07 6.10
C VAL Q 23 -19.24 -0.19 5.24
N ALA Q 24 -19.03 -0.06 3.92
CA ALA Q 24 -18.87 -1.18 3.00
C ALA Q 24 -17.64 -2.04 3.31
N ILE Q 25 -16.49 -1.44 3.61
CA ILE Q 25 -15.27 -2.16 4.03
C ILE Q 25 -15.52 -2.91 5.35
N THR Q 26 -16.18 -2.28 6.31
CA THR Q 26 -16.50 -2.91 7.60
C THR Q 26 -17.39 -4.14 7.42
N ALA Q 27 -18.41 -4.06 6.56
CA ALA Q 27 -19.30 -5.18 6.28
C ALA Q 27 -18.58 -6.38 5.63
N LEU Q 28 -17.64 -6.12 4.73
CA LEU Q 28 -16.77 -7.14 4.15
C LEU Q 28 -15.86 -7.79 5.19
N LEU Q 29 -15.24 -6.99 6.06
CA LEU Q 29 -14.38 -7.50 7.14
C LEU Q 29 -15.16 -8.36 8.15
N VAL Q 30 -16.38 -7.97 8.52
CA VAL Q 30 -17.23 -8.78 9.39
C VAL Q 30 -17.63 -10.09 8.71
N HIS Q 31 -18.02 -10.05 7.42
CA HIS Q 31 -18.35 -11.27 6.71
C HIS Q 31 -17.15 -12.21 6.61
N LEU Q 32 -15.97 -11.65 6.34
CA LEU Q 32 -14.76 -12.48 6.25
C LEU Q 32 -14.41 -13.10 7.59
N ALA Q 33 -14.54 -12.34 8.67
CA ALA Q 33 -14.27 -12.79 10.03
C ALA Q 33 -15.21 -13.95 10.42
N VAL Q 34 -16.49 -13.86 10.08
CA VAL Q 34 -17.45 -14.93 10.37
C VAL Q 34 -17.16 -16.15 9.49
N LEU Q 35 -16.77 -15.93 8.23
CA LEU Q 35 -16.42 -17.05 7.37
C LEU Q 35 -15.19 -17.79 7.86
N THR Q 36 -14.20 -17.08 8.39
CA THR Q 36 -12.97 -17.72 8.82
C THR Q 36 -13.02 -18.30 10.21
N HIS Q 37 -14.04 -17.98 11.03
CA HIS Q 37 -14.08 -18.49 12.39
C HIS Q 37 -15.31 -19.32 12.71
N THR Q 38 -16.09 -19.74 11.73
CA THR Q 38 -17.17 -20.69 11.94
C THR Q 38 -17.05 -21.83 10.96
N THR Q 39 -17.68 -22.97 11.28
CA THR Q 39 -17.82 -24.11 10.37
C THR Q 39 -19.14 -24.07 9.59
N TRP Q 40 -20.19 -23.43 10.14
CA TRP Q 40 -21.52 -23.37 9.52
C TRP Q 40 -21.60 -22.44 8.31
N PHE Q 41 -20.87 -21.32 8.26
CA PHE Q 41 -20.88 -20.47 7.05
C PHE Q 41 -20.11 -21.12 5.88
N PRO Q 42 -18.92 -21.74 6.06
CA PRO Q 42 -18.32 -22.55 4.98
C PRO Q 42 -19.16 -23.75 4.59
N ALA Q 43 -19.87 -24.38 5.53
CA ALA Q 43 -20.77 -25.50 5.24
C ALA Q 43 -22.02 -25.07 4.45
N PHE Q 44 -22.53 -23.87 4.69
CA PHE Q 44 -23.59 -23.26 3.89
C PHE Q 44 -23.10 -22.94 2.48
N GLN Q 45 -21.86 -22.47 2.35
CA GLN Q 45 -21.28 -22.24 1.04
C GLN Q 45 -21.06 -23.53 0.27
N GLN Q 46 -20.66 -24.62 0.95
CA GLN Q 46 -20.41 -25.94 0.38
C GLN Q 46 -21.69 -26.68 -0.05
N GLY Q 47 -22.70 -26.76 0.81
CA GLY Q 47 -23.93 -27.53 0.57
C GLY Q 47 -23.72 -29.04 0.51
N GLY Q 48 -24.61 -29.76 -0.15
CA GLY Q 48 -24.54 -31.22 -0.33
C GLY Q 48 -24.74 -32.00 0.95
N ALA R 1 -17.72 21.62 -1.60
CA ALA R 1 -17.19 22.56 -0.59
C ALA R 1 -18.01 22.47 0.70
N VAL R 2 -17.51 23.02 1.82
CA VAL R 2 -18.26 23.11 3.08
C VAL R 2 -19.51 23.99 2.96
N LEU R 3 -20.54 23.65 3.72
CA LEU R 3 -21.88 24.17 3.55
C LEU R 3 -22.21 25.31 4.54
N SER R 4 -23.28 26.04 4.27
CA SER R 4 -23.91 26.92 5.26
C SER R 4 -24.48 26.10 6.43
N PRO R 5 -24.66 26.64 7.65
CA PRO R 5 -25.27 25.91 8.75
C PRO R 5 -26.64 25.29 8.42
N GLU R 6 -27.48 25.99 7.65
CA GLU R 6 -28.81 25.51 7.23
C GLU R 6 -28.72 24.39 6.19
N GLN R 7 -27.84 24.55 5.19
CA GLN R 7 -27.55 23.53 4.18
C GLN R 7 -26.94 22.26 4.79
N SER R 8 -26.14 22.41 5.84
CA SER R 8 -25.54 21.28 6.57
C SER R 8 -26.60 20.44 7.28
N GLU R 9 -27.53 21.11 7.97
CA GLU R 9 -28.65 20.44 8.62
C GLU R 9 -29.58 19.74 7.62
N GLU R 10 -29.85 20.35 6.47
CA GLU R 10 -30.61 19.72 5.38
C GLU R 10 -29.92 18.47 4.81
N LEU R 11 -28.61 18.51 4.57
CA LEU R 11 -27.84 17.34 4.14
C LEU R 11 -27.82 16.25 5.22
N HIS R 12 -27.64 16.60 6.50
CA HIS R 12 -27.53 15.60 7.56
C HIS R 12 -28.82 14.81 7.79
N LYS R 13 -30.00 15.35 7.45
CA LYS R 13 -31.26 14.60 7.47
C LYS R 13 -31.23 13.42 6.50
N TYR R 14 -30.65 13.57 5.31
CA TYR R 14 -30.47 12.46 4.37
C TYR R 14 -29.45 11.44 4.85
N VAL R 15 -28.38 11.87 5.53
CA VAL R 15 -27.38 10.97 6.12
C VAL R 15 -27.99 10.15 7.26
N ILE R 16 -28.81 10.77 8.12
CA ILE R 16 -29.47 10.12 9.24
C ILE R 16 -30.60 9.19 8.79
N ASP R 17 -31.38 9.56 7.77
CA ASP R 17 -32.38 8.69 7.16
C ASP R 17 -31.75 7.49 6.45
N GLY R 18 -30.61 7.67 5.79
CA GLY R 18 -29.81 6.60 5.19
C GLY R 18 -29.26 5.62 6.23
N ALA R 19 -28.73 6.13 7.34
CA ALA R 19 -28.28 5.29 8.45
C ALA R 19 -29.44 4.54 9.16
N ARG R 20 -30.62 5.16 9.31
CA ARG R 20 -31.82 4.49 9.85
C ARG R 20 -32.36 3.39 8.92
N ALA R 21 -32.30 3.59 7.61
CA ALA R 21 -32.66 2.58 6.61
C ALA R 21 -31.67 1.40 6.63
N PHE R 22 -30.37 1.69 6.73
CA PHE R 22 -29.34 0.67 6.89
C PHE R 22 -29.54 -0.12 8.20
N LEU R 23 -29.80 0.56 9.32
CA LEU R 23 -30.07 -0.06 10.62
C LEU R 23 -31.27 -1.01 10.55
N GLY R 24 -32.36 -0.59 9.91
CA GLY R 24 -33.54 -1.43 9.79
C GLY R 24 -33.28 -2.70 9.00
N ILE R 25 -32.59 -2.60 7.86
CA ILE R 25 -32.24 -3.77 7.05
C ILE R 25 -31.31 -4.69 7.87
N ALA R 26 -30.36 -4.11 8.62
CA ALA R 26 -29.46 -4.90 9.45
C ALA R 26 -30.19 -5.59 10.61
N LEU R 27 -31.18 -4.97 11.23
CA LEU R 27 -32.05 -5.59 12.24
C LEU R 27 -32.85 -6.76 11.66
N VAL R 28 -33.37 -6.68 10.43
CA VAL R 28 -34.01 -7.84 9.77
C VAL R 28 -33.00 -8.96 9.46
N ALA R 29 -31.81 -8.62 8.96
CA ALA R 29 -30.75 -9.60 8.70
C ALA R 29 -30.25 -10.30 9.97
N HIS R 30 -30.15 -9.60 11.11
CA HIS R 30 -29.80 -10.20 12.39
C HIS R 30 -30.90 -11.09 12.92
N PHE R 31 -32.16 -10.71 12.73
CA PHE R 31 -33.24 -11.60 13.13
C PHE R 31 -33.25 -12.87 12.27
N LEU R 32 -33.05 -12.75 10.95
CA LEU R 32 -32.96 -13.91 10.05
C LEU R 32 -31.77 -14.80 10.39
N ALA R 33 -30.64 -14.20 10.74
CA ALA R 33 -29.49 -14.95 11.25
C ALA R 33 -29.83 -15.65 12.57
N PHE R 34 -30.56 -15.04 13.50
CA PHE R 34 -30.95 -15.72 14.72
C PHE R 34 -31.85 -16.91 14.42
N SER R 35 -32.76 -16.77 13.46
CA SER R 35 -33.71 -17.83 13.15
C SER R 35 -33.12 -18.99 12.33
N LEU R 36 -32.18 -18.72 11.41
CA LEU R 36 -31.70 -19.71 10.43
C LEU R 36 -30.31 -20.31 10.75
N THR R 37 -29.59 -19.79 11.75
CA THR R 37 -28.18 -20.08 12.05
C THR R 37 -28.02 -20.70 13.45
N PRO R 38 -26.97 -21.46 13.77
CA PRO R 38 -26.69 -21.90 15.14
C PRO R 38 -26.22 -20.79 16.12
N TRP R 39 -26.13 -19.53 15.67
CA TRP R 39 -25.78 -18.37 16.51
C TRP R 39 -26.84 -18.11 17.59
N LEU R 40 -26.40 -17.88 18.83
CA LEU R 40 -27.23 -17.79 20.05
C LEU R 40 -28.09 -19.02 20.31
N HIS R 41 -27.78 -20.19 19.72
CA HIS R 41 -28.63 -21.37 19.85
C HIS R 41 -27.86 -22.52 20.47
#